data_9L1Y
#
_entry.id   9L1Y
#
_cell.length_a   1.00
_cell.length_b   1.00
_cell.length_c   1.00
_cell.angle_alpha   90.00
_cell.angle_beta   90.00
_cell.angle_gamma   90.00
#
_symmetry.space_group_name_H-M   'P 1'
#
loop_
_entity.id
_entity.type
_entity.pdbx_description
1 polymer 'Vitamin K-dependent gamma-carboxylase'
2 branched 2-acetamido-2-deoxy-beta-D-glucopyranose-(1-4)-2-acetamido-2-deoxy-beta-D-glucopyranose
3 non-polymer 2-acetamido-2-deoxy-beta-D-glucopyranose
4 non-polymer CHOLESTEROL
5 non-polymer 'CHOLESTEROL HEMISUCCINATE'
#
_entity_poly.entity_id   1
_entity_poly.type   'polypeptide(L)'
_entity_poly.pdbx_seq_one_letter_code
;MAVSAGSARTSPSSDKVQKDKAELISGPRQDSRIGKLLGFEWTDLSSWRRLVTLLNRPTDPASLAVFRFLFGFLMVLDIP
QERGLSSLDRKYLDGLDVCRFPLLDALRPLPLDWMYLVYTIMFLGALGMMLGLCYRISCVLFLLPYWYVFLLDKTSWNNH
SYLYGLLAFQLTFMDANHYWSVDGLLNAHRRNAHVPLWNYAVLRGQIFIVYFIAGVKKLDADWVEGYSMEYLSRHWLFSP
FKLLLSEELTSLLVVHWGGLLLDLSAGFLLFFDVSRSIGLFFVSYFHCMNSQLFSIGMFSYVMLASSPLFCSPEWPRKLV
SYCPRRLQQLLPLKAAPQPSVSCVYKRSRGKSGQKPGLRHQLGAAFTLLYLLEQLFLPYSHFLTQGYNNWTNGLYGYSWD
MMVHSRSHQHVKITYRDGRTGELGYLNPGVFTQSRRWKDHADMLKQYATCLSRLLPKYNVTEPQIYFDIWVSINDRFQQR
IFDPRVDIVQAAWSPFQRTSWVQPLLMDLSPWRAKLQEIKSSLDNHTEVVFIADFPGLHLENFVSEDLGNTSIQLLQGEV
TVELVAEQKNQTLREGEKMQLPAGEYHKVYTTSPSPSCYMYVYVNTTELALEQDLAYLQELKEKVENGSETGPLPPELQP
LLEGEVKGGPEPTPLVQTFLRRQQRLQEIERRRNTPFHERFFRFLLRKLYVFRRSFLMTCISLRNLILGRPSLEQLAQEV
TYANLRPFEAVGELNPSNTDSSHSNPPESNPDPVHSEF
;
_entity_poly.pdbx_strand_id   A
#
loop_
_chem_comp.id
_chem_comp.type
_chem_comp.name
_chem_comp.formula
CLR non-polymer CHOLESTEROL 'C27 H46 O'
NAG D-saccharide, beta linking 2-acetamido-2-deoxy-beta-D-glucopyranose 'C8 H15 N O6'
Y01 non-polymer 'CHOLESTEROL HEMISUCCINATE' 'C31 H50 O4'
#
# COMPACT_ATOMS: atom_id res chain seq x y z
N SER A 32 17.21 -6.86 42.05
CA SER A 32 16.83 -8.01 41.24
C SER A 32 17.07 -7.74 39.76
N ARG A 33 17.47 -8.78 39.03
CA ARG A 33 17.69 -8.63 37.60
C ARG A 33 16.39 -8.31 36.87
N ILE A 34 15.29 -8.96 37.27
CA ILE A 34 13.99 -8.64 36.70
C ILE A 34 13.56 -7.23 37.12
N GLY A 35 14.04 -6.75 38.28
CA GLY A 35 13.68 -5.41 38.71
C GLY A 35 14.18 -4.34 37.77
N LYS A 36 15.42 -4.48 37.28
CA LYS A 36 15.99 -3.49 36.38
C LYS A 36 15.70 -3.84 34.91
N LEU A 37 16.19 -4.99 34.48
CA LEU A 37 15.86 -5.48 33.14
C LEU A 37 14.42 -5.99 33.13
N LEU A 38 13.64 -5.55 32.14
CA LEU A 38 12.20 -5.82 32.11
C LEU A 38 11.53 -5.24 33.37
N GLY A 39 11.53 -3.91 33.41
CA GLY A 39 11.16 -3.14 34.60
C GLY A 39 10.03 -3.67 35.45
N PHE A 40 9.01 -4.27 34.83
CA PHE A 40 7.93 -4.88 35.60
C PHE A 40 8.43 -6.12 36.33
N GLU A 41 8.13 -6.21 37.62
CA GLU A 41 8.58 -7.34 38.42
C GLU A 41 7.86 -8.61 37.97
N TRP A 42 8.57 -9.74 38.10
CA TRP A 42 8.01 -11.01 37.67
C TRP A 42 6.76 -11.37 38.45
N THR A 43 6.76 -11.13 39.76
CA THR A 43 5.61 -11.46 40.59
C THR A 43 4.40 -10.59 40.26
N ASP A 44 4.59 -9.50 39.53
CA ASP A 44 3.45 -8.65 39.15
C ASP A 44 2.49 -9.40 38.25
N LEU A 45 3.00 -10.33 37.43
CA LEU A 45 2.15 -11.12 36.53
C LEU A 45 1.63 -12.35 37.28
N SER A 46 0.77 -12.07 38.26
CA SER A 46 0.24 -13.12 39.12
C SER A 46 -1.28 -13.15 39.10
N SER A 47 -1.91 -12.00 38.90
CA SER A 47 -3.36 -11.92 38.92
C SER A 47 -3.80 -10.71 38.11
N TRP A 48 -5.09 -10.70 37.78
CA TRP A 48 -5.67 -9.58 37.02
C TRP A 48 -5.59 -8.28 37.81
N ARG A 49 -5.90 -8.34 39.11
CA ARG A 49 -5.92 -7.13 39.92
C ARG A 49 -4.51 -6.56 40.12
N ARG A 50 -3.48 -7.40 40.05
CA ARG A 50 -2.12 -6.88 40.02
C ARG A 50 -1.76 -6.32 38.65
N LEU A 51 -2.25 -6.95 37.58
CA LEU A 51 -1.93 -6.50 36.23
C LEU A 51 -2.49 -5.11 35.95
N VAL A 52 -3.76 -4.88 36.33
CA VAL A 52 -4.37 -3.58 36.08
C VAL A 52 -3.62 -2.49 36.84
N THR A 53 -3.19 -2.80 38.08
CA THR A 53 -2.39 -1.85 38.84
C THR A 53 -1.05 -1.59 38.15
N LEU A 54 -0.42 -2.64 37.62
CA LEU A 54 0.87 -2.47 36.96
C LEU A 54 0.75 -1.58 35.72
N LEU A 55 -0.29 -1.80 34.92
CA LEU A 55 -0.44 -1.02 33.70
C LEU A 55 -0.79 0.43 33.99
N ASN A 56 -1.61 0.67 35.01
CA ASN A 56 -2.07 2.02 35.35
C ASN A 56 -1.22 2.58 36.48
N ARG A 57 0.03 2.91 36.15
CA ARG A 57 0.89 3.52 37.15
C ARG A 57 1.49 4.81 36.60
N PRO A 58 1.73 5.79 37.46
CA PRO A 58 2.11 7.13 36.98
C PRO A 58 3.41 7.11 36.19
N THR A 59 3.47 7.95 35.17
CA THR A 59 4.67 8.14 34.38
C THR A 59 4.65 9.52 33.74
N ASP A 60 5.84 10.05 33.53
CA ASP A 60 5.97 11.41 33.01
C ASP A 60 5.48 11.48 31.58
N PRO A 61 4.62 12.44 31.23
CA PRO A 61 4.08 12.49 29.86
C PRO A 61 4.92 13.29 28.88
N ALA A 62 6.19 13.54 29.21
CA ALA A 62 7.02 14.42 28.38
C ALA A 62 7.20 13.87 26.97
N SER A 63 7.42 12.57 26.83
CA SER A 63 7.69 12.00 25.51
C SER A 63 6.43 11.94 24.65
N LEU A 64 5.29 11.58 25.27
CA LEU A 64 4.05 11.48 24.53
C LEU A 64 3.67 12.80 23.90
N ALA A 65 3.93 13.92 24.60
CA ALA A 65 3.62 15.22 24.06
C ALA A 65 4.41 15.49 22.78
N VAL A 66 5.70 15.20 22.79
CA VAL A 66 6.52 15.45 21.62
C VAL A 66 6.10 14.56 20.46
N PHE A 67 5.81 13.29 20.74
CA PHE A 67 5.36 12.41 19.67
C PHE A 67 4.04 12.89 19.07
N ARG A 68 3.09 13.30 19.91
CA ARG A 68 1.82 13.79 19.39
C ARG A 68 2.01 15.05 18.56
N PHE A 69 2.87 15.96 19.02
CA PHE A 69 3.14 17.18 18.26
C PHE A 69 3.71 16.86 16.88
N LEU A 70 4.72 15.98 16.83
CA LEU A 70 5.35 15.68 15.55
C LEU A 70 4.41 14.92 14.63
N PHE A 71 3.61 14.00 15.17
CA PHE A 71 2.65 13.28 14.35
C PHE A 71 1.59 14.23 13.78
N GLY A 72 1.07 15.14 14.60
CA GLY A 72 0.12 16.12 14.09
C GLY A 72 0.73 16.99 13.01
N PHE A 73 1.98 17.42 13.21
CA PHE A 73 2.65 18.22 12.20
C PHE A 73 2.76 17.48 10.88
N LEU A 74 3.19 16.22 10.93
CA LEU A 74 3.36 15.45 9.70
C LEU A 74 2.03 15.20 9.01
N MET A 75 0.98 14.88 9.77
CA MET A 75 -0.32 14.65 9.16
C MET A 75 -0.90 15.91 8.55
N VAL A 76 -0.62 17.07 9.16
CA VAL A 76 -1.01 18.33 8.53
C VAL A 76 -0.24 18.54 7.23
N LEU A 77 1.06 18.21 7.24
CA LEU A 77 1.88 18.48 6.07
C LEU A 77 1.52 17.59 4.89
N ASP A 78 1.21 16.32 5.12
CA ASP A 78 1.08 15.40 3.99
C ASP A 78 -0.28 15.44 3.32
N ILE A 79 -1.29 16.07 3.91
CA ILE A 79 -2.64 16.00 3.35
C ILE A 79 -2.73 16.62 1.96
N PRO A 80 -2.22 17.83 1.69
CA PRO A 80 -2.30 18.35 0.32
C PRO A 80 -1.59 17.49 -0.71
N GLN A 81 -0.49 16.83 -0.35
CA GLN A 81 0.35 16.16 -1.33
C GLN A 81 -0.07 14.71 -1.57
N GLU A 82 -0.02 13.87 -0.54
CA GLU A 82 -0.20 12.44 -0.72
C GLU A 82 -1.66 12.02 -0.74
N ARG A 83 -2.46 12.53 0.18
CA ARG A 83 -3.87 12.15 0.22
C ARG A 83 -4.65 12.67 -1.00
N GLY A 84 -4.05 13.55 -1.78
CA GLY A 84 -4.64 13.93 -3.05
C GLY A 84 -5.70 15.01 -2.95
N LEU A 85 -5.38 16.13 -2.30
CA LEU A 85 -6.29 17.27 -2.33
C LEU A 85 -6.01 18.18 -3.51
N SER A 86 -4.77 18.22 -4.00
CA SER A 86 -4.48 18.98 -5.21
C SER A 86 -5.18 18.37 -6.42
N SER A 87 -5.21 17.03 -6.49
CA SER A 87 -5.77 16.31 -7.63
C SER A 87 -7.12 15.69 -7.29
N LEU A 88 -7.96 16.39 -6.51
CA LEU A 88 -9.28 15.85 -6.19
C LEU A 88 -10.29 16.20 -7.26
N ASP A 89 -10.10 17.32 -7.96
CA ASP A 89 -11.02 17.69 -9.03
C ASP A 89 -10.90 16.72 -10.21
N ARG A 90 -9.68 16.33 -10.57
CA ARG A 90 -9.45 15.46 -11.71
C ARG A 90 -9.84 14.01 -11.44
N LYS A 91 -10.16 13.65 -10.20
CA LYS A 91 -10.45 12.28 -9.84
C LYS A 91 -11.91 12.03 -9.50
N TYR A 92 -12.60 13.00 -8.90
CA TYR A 92 -13.99 12.81 -8.51
C TYR A 92 -14.88 13.79 -9.26
N LEU A 93 -14.64 13.95 -10.57
CA LEU A 93 -15.37 14.90 -11.38
C LEU A 93 -16.87 14.64 -11.36
N ASP A 94 -17.63 15.64 -11.79
CA ASP A 94 -19.08 15.55 -11.92
C ASP A 94 -19.44 15.49 -13.39
N GLY A 95 -20.33 14.58 -13.75
CA GLY A 95 -20.65 14.33 -15.15
C GLY A 95 -19.77 13.32 -15.84
N LEU A 96 -18.89 12.65 -15.10
CA LEU A 96 -18.02 11.62 -15.64
C LEU A 96 -18.62 10.24 -15.34
N ASP A 97 -18.18 9.25 -16.12
CA ASP A 97 -18.61 7.87 -15.96
C ASP A 97 -17.37 7.02 -15.72
N VAL A 98 -17.14 6.68 -14.46
CA VAL A 98 -15.95 5.92 -14.05
C VAL A 98 -16.37 4.83 -13.08
N CYS A 99 -15.82 3.63 -13.26
CA CYS A 99 -16.03 2.56 -12.29
C CYS A 99 -15.12 2.76 -11.09
N ARG A 100 -15.65 2.45 -9.91
CA ARG A 100 -14.93 2.63 -8.66
C ARG A 100 -14.70 1.27 -7.99
N PHE A 101 -13.66 1.21 -7.15
CA PHE A 101 -13.26 -0.02 -6.47
C PHE A 101 -13.30 0.22 -4.96
N PRO A 102 -14.48 0.23 -4.36
CA PRO A 102 -14.55 0.39 -2.90
C PRO A 102 -14.48 -0.95 -2.20
N LEU A 103 -13.99 -0.92 -0.95
CA LEU A 103 -13.98 -2.14 -0.16
C LEU A 103 -15.39 -2.65 0.10
N LEU A 104 -16.32 -1.74 0.40
CA LEU A 104 -17.72 -2.08 0.54
C LEU A 104 -18.48 -1.52 -0.65
N ASP A 105 -19.27 -2.36 -1.31
CA ASP A 105 -19.95 -1.97 -2.54
C ASP A 105 -21.03 -0.92 -2.32
N ALA A 106 -21.47 -0.71 -1.09
CA ALA A 106 -22.52 0.26 -0.79
C ALA A 106 -21.97 1.61 -0.33
N LEU A 107 -20.65 1.77 -0.33
CA LEU A 107 -20.01 3.00 0.15
C LEU A 107 -19.67 3.91 -1.02
N ARG A 108 -20.72 4.57 -1.54
CA ARG A 108 -20.56 5.45 -2.67
C ARG A 108 -19.97 6.79 -2.23
N PRO A 109 -19.17 7.43 -3.08
CA PRO A 109 -18.59 8.73 -2.71
C PRO A 109 -19.57 9.87 -2.86
N LEU A 110 -19.33 10.93 -2.09
CA LEU A 110 -20.14 12.13 -2.15
C LEU A 110 -19.73 12.99 -3.34
N PRO A 111 -20.59 13.91 -3.77
CA PRO A 111 -20.25 14.80 -4.89
C PRO A 111 -18.99 15.62 -4.61
N LEU A 112 -18.50 16.28 -5.66
CA LEU A 112 -17.22 16.95 -5.60
C LEU A 112 -17.20 18.10 -4.60
N ASP A 113 -18.27 18.91 -4.57
CA ASP A 113 -18.32 20.06 -3.67
C ASP A 113 -18.74 19.68 -2.27
N TRP A 114 -19.16 18.44 -2.04
CA TRP A 114 -19.32 17.90 -0.70
C TRP A 114 -18.17 16.98 -0.32
N MET A 115 -17.16 16.87 -1.19
CA MET A 115 -15.94 16.14 -0.89
C MET A 115 -14.73 17.04 -0.74
N TYR A 116 -14.78 18.26 -1.28
CA TYR A 116 -13.79 19.27 -0.92
C TYR A 116 -13.94 19.75 0.52
N LEU A 117 -15.00 19.37 1.21
CA LEU A 117 -15.25 19.79 2.58
C LEU A 117 -14.77 18.79 3.63
N VAL A 118 -14.88 17.50 3.36
CA VAL A 118 -14.40 16.52 4.32
C VAL A 118 -12.88 16.61 4.48
N TYR A 119 -12.18 17.04 3.42
CA TYR A 119 -10.74 17.21 3.54
C TYR A 119 -10.40 18.41 4.41
N THR A 120 -11.20 19.48 4.35
CA THR A 120 -10.99 20.60 5.26
C THR A 120 -11.32 20.22 6.69
N ILE A 121 -12.35 19.40 6.89
CA ILE A 121 -12.64 18.88 8.22
C ILE A 121 -11.47 18.06 8.74
N MET A 122 -10.90 17.21 7.88
CA MET A 122 -9.74 16.41 8.25
C MET A 122 -8.54 17.29 8.60
N PHE A 123 -8.34 18.37 7.83
CA PHE A 123 -7.24 19.28 8.11
C PHE A 123 -7.42 19.99 9.43
N LEU A 124 -8.65 20.41 9.74
CA LEU A 124 -8.92 21.02 11.04
C LEU A 124 -8.67 20.03 12.17
N GLY A 125 -9.09 18.78 11.99
CA GLY A 125 -8.82 17.76 12.99
C GLY A 125 -7.34 17.53 13.21
N ALA A 126 -6.56 17.51 12.13
CA ALA A 126 -5.12 17.32 12.26
C ALA A 126 -4.46 18.51 12.95
N LEU A 127 -4.92 19.73 12.65
CA LEU A 127 -4.38 20.89 13.34
C LEU A 127 -4.71 20.85 14.83
N GLY A 128 -5.93 20.43 15.17
CA GLY A 128 -6.28 20.27 16.58
C GLY A 128 -5.46 19.19 17.26
N MET A 129 -5.13 18.11 16.54
CA MET A 129 -4.17 17.14 17.05
C MET A 129 -2.84 17.80 17.36
N MET A 130 -2.34 18.62 16.43
CA MET A 130 -1.02 19.20 16.59
C MET A 130 -0.96 20.15 17.78
N LEU A 131 -1.94 21.06 17.89
CA LEU A 131 -1.90 22.04 18.98
C LEU A 131 -2.39 21.43 20.29
N GLY A 132 -3.64 21.00 20.33
CA GLY A 132 -4.19 20.42 21.54
C GLY A 132 -5.58 20.93 21.86
N LEU A 133 -6.02 21.95 21.11
CA LEU A 133 -7.33 22.54 21.35
C LEU A 133 -8.43 21.52 21.12
N CYS A 134 -9.18 21.22 22.18
CA CYS A 134 -10.26 20.24 22.13
C CYS A 134 -9.75 18.92 21.56
N TYR A 135 -8.83 18.31 22.30
CA TYR A 135 -8.03 17.22 21.77
C TYR A 135 -8.89 16.03 21.34
N ARG A 136 -9.88 15.65 22.15
CA ARG A 136 -10.73 14.53 21.79
C ARG A 136 -11.55 14.83 20.53
N ILE A 137 -12.13 16.03 20.46
CA ILE A 137 -12.93 16.41 19.30
C ILE A 137 -12.08 16.47 18.05
N SER A 138 -10.88 17.05 18.16
CA SER A 138 -9.97 17.10 17.02
C SER A 138 -9.56 15.70 16.58
N CYS A 139 -9.31 14.81 17.54
CA CYS A 139 -8.95 13.44 17.20
C CYS A 139 -10.08 12.76 16.42
N VAL A 140 -11.33 12.94 16.86
CA VAL A 140 -12.45 12.31 16.15
C VAL A 140 -12.62 12.92 14.77
N LEU A 141 -12.52 14.25 14.66
CA LEU A 141 -12.68 14.92 13.38
C LEU A 141 -11.59 14.57 12.39
N PHE A 142 -10.41 14.15 12.87
CA PHE A 142 -9.41 13.64 11.94
C PHE A 142 -9.57 12.15 11.68
N LEU A 143 -10.06 11.39 12.67
CA LEU A 143 -10.18 9.95 12.50
C LEU A 143 -11.25 9.58 11.48
N LEU A 144 -12.45 10.17 11.61
CA LEU A 144 -13.56 9.69 10.80
C LEU A 144 -13.39 9.90 9.30
N PRO A 145 -13.10 11.11 8.81
CA PRO A 145 -12.90 11.26 7.35
C PRO A 145 -11.73 10.46 6.80
N TYR A 146 -10.67 10.25 7.59
CA TYR A 146 -9.55 9.48 7.09
C TYR A 146 -9.96 8.05 6.78
N TRP A 147 -10.71 7.42 7.68
CA TRP A 147 -11.18 6.07 7.43
C TRP A 147 -12.39 6.03 6.51
N TYR A 148 -12.99 7.18 6.21
CA TYR A 148 -13.99 7.21 5.14
C TYR A 148 -13.34 7.22 3.77
N VAL A 149 -12.28 8.02 3.59
CA VAL A 149 -11.62 8.11 2.30
C VAL A 149 -10.56 7.03 2.10
N PHE A 150 -10.21 6.29 3.15
CA PHE A 150 -9.26 5.19 2.97
C PHE A 150 -9.96 3.94 2.44
N LEU A 151 -11.14 3.63 2.97
CA LEU A 151 -11.93 2.50 2.47
C LEU A 151 -12.79 2.90 1.28
N LEU A 152 -12.18 3.58 0.32
CA LEU A 152 -12.89 4.05 -0.87
C LEU A 152 -12.18 3.74 -2.17
N ASP A 153 -10.91 3.33 -2.15
CA ASP A 153 -10.20 2.99 -3.38
C ASP A 153 -9.17 1.94 -3.00
N LYS A 154 -9.46 0.67 -3.31
CA LYS A 154 -8.54 -0.42 -2.99
C LYS A 154 -7.24 -0.33 -3.77
N THR A 155 -7.19 0.50 -4.81
CA THR A 155 -5.97 0.68 -5.59
C THR A 155 -5.04 1.73 -4.99
N SER A 156 -5.41 2.33 -3.86
CA SER A 156 -4.61 3.37 -3.22
C SER A 156 -4.18 2.96 -1.81
N TRP A 157 -4.26 1.67 -1.50
CA TRP A 157 -3.84 1.16 -0.19
C TRP A 157 -2.33 0.98 -0.20
N ASN A 158 -1.66 1.58 0.77
CA ASN A 158 -0.23 1.44 0.94
C ASN A 158 0.05 0.72 2.26
N ASN A 159 1.33 0.63 2.62
CA ASN A 159 1.72 0.14 3.92
C ASN A 159 1.73 1.23 4.98
N HIS A 160 1.90 2.49 4.59
CA HIS A 160 1.98 3.59 5.54
C HIS A 160 0.63 4.23 5.83
N SER A 161 -0.30 4.23 4.87
CA SER A 161 -1.61 4.80 5.13
C SER A 161 -2.34 4.03 6.23
N TYR A 162 -2.21 2.70 6.20
CA TYR A 162 -2.73 1.88 7.28
C TYR A 162 -2.09 2.26 8.62
N LEU A 163 -0.78 2.52 8.60
CA LEU A 163 -0.09 2.88 9.83
C LEU A 163 -0.60 4.21 10.38
N TYR A 164 -0.80 5.19 9.52
CA TYR A 164 -1.32 6.49 9.97
C TYR A 164 -2.72 6.34 10.56
N GLY A 165 -3.56 5.55 9.90
CA GLY A 165 -4.88 5.30 10.46
C GLY A 165 -4.82 4.66 11.83
N LEU A 166 -3.96 3.65 11.99
CA LEU A 166 -3.83 2.99 13.27
C LEU A 166 -3.30 3.93 14.35
N LEU A 167 -2.32 4.76 14.00
CA LEU A 167 -1.77 5.70 14.98
C LEU A 167 -2.81 6.72 15.41
N ALA A 168 -3.61 7.24 14.47
CA ALA A 168 -4.68 8.15 14.86
C ALA A 168 -5.70 7.45 15.77
N PHE A 169 -6.03 6.20 15.45
CA PHE A 169 -6.98 5.46 16.29
C PHE A 169 -6.44 5.27 17.70
N GLN A 170 -5.15 4.96 17.83
CA GLN A 170 -4.54 4.84 19.15
C GLN A 170 -4.56 6.17 19.89
N LEU A 171 -4.05 7.23 19.25
CA LEU A 171 -3.92 8.52 19.91
C LEU A 171 -5.25 9.13 20.28
N THR A 172 -6.35 8.71 19.65
CA THR A 172 -7.65 9.20 20.09
C THR A 172 -7.92 8.83 21.54
N PHE A 173 -7.59 7.60 21.93
CA PHE A 173 -7.91 7.09 23.27
C PHE A 173 -6.88 7.46 24.33
N MET A 174 -5.67 7.84 23.94
CA MET A 174 -4.60 8.11 24.89
C MET A 174 -4.43 9.62 25.05
N ASP A 175 -4.51 10.10 26.28
CA ASP A 175 -4.40 11.53 26.54
C ASP A 175 -2.95 11.97 26.44
N ALA A 176 -2.69 12.96 25.58
CA ALA A 176 -1.34 13.45 25.35
C ALA A 176 -1.26 14.97 25.41
N ASN A 177 -2.28 15.63 25.95
CA ASN A 177 -2.28 17.07 26.09
C ASN A 177 -1.78 17.52 27.47
N HIS A 178 -1.31 16.58 28.30
CA HIS A 178 -0.93 16.89 29.67
C HIS A 178 0.33 17.72 29.77
N TYR A 179 1.11 17.84 28.69
CA TYR A 179 2.34 18.62 28.74
C TYR A 179 2.60 19.22 27.37
N TRP A 180 3.12 20.45 27.35
CA TRP A 180 3.44 21.16 26.11
C TRP A 180 2.23 21.18 25.17
N SER A 181 1.15 21.78 25.67
CA SER A 181 -0.09 21.84 24.92
C SER A 181 -0.77 23.18 25.16
N VAL A 182 -1.49 23.64 24.14
CA VAL A 182 -2.29 24.86 24.28
C VAL A 182 -3.44 24.63 25.25
N ASP A 183 -4.03 23.42 25.22
CA ASP A 183 -5.12 23.09 26.12
C ASP A 183 -4.69 23.16 27.58
N GLY A 184 -3.39 23.08 27.86
CA GLY A 184 -2.91 23.29 29.22
C GLY A 184 -3.09 24.70 29.72
N LEU A 185 -2.90 25.70 28.87
CA LEU A 185 -2.99 27.10 29.28
C LEU A 185 -4.41 27.57 29.51
N LEU A 186 -5.41 26.77 29.15
CA LEU A 186 -6.80 27.12 29.39
C LEU A 186 -7.48 26.20 30.39
N ASN A 187 -6.70 25.43 31.16
CA ASN A 187 -7.25 24.52 32.15
C ASN A 187 -6.26 24.37 33.29
N ALA A 188 -6.77 23.92 34.44
CA ALA A 188 -5.96 23.78 35.65
C ALA A 188 -5.74 22.32 36.02
N HIS A 189 -6.03 21.39 35.11
CA HIS A 189 -5.86 19.96 35.37
C HIS A 189 -5.01 19.26 34.33
N ARG A 190 -4.50 19.98 33.33
CA ARG A 190 -3.70 19.39 32.28
C ARG A 190 -2.38 20.12 32.08
N ARG A 191 -1.99 21.00 33.00
CA ARG A 191 -0.70 21.70 32.87
C ARG A 191 0.46 20.72 32.96
N ASN A 192 0.39 19.81 33.93
CA ASN A 192 1.42 18.77 34.09
C ASN A 192 0.80 17.67 34.94
N ALA A 193 0.55 16.51 34.37
CA ALA A 193 -0.16 15.45 35.07
C ALA A 193 0.54 14.12 34.81
N HIS A 194 -0.06 13.05 35.32
CA HIS A 194 0.48 11.71 35.20
C HIS A 194 -0.40 10.90 34.25
N VAL A 195 0.20 10.38 33.18
CA VAL A 195 -0.50 9.49 32.27
C VAL A 195 -0.33 8.06 32.78
N PRO A 196 -1.23 7.14 32.46
CA PRO A 196 -0.98 5.73 32.76
C PRO A 196 0.18 5.21 31.92
N LEU A 197 0.69 4.04 32.31
CA LEU A 197 1.77 3.43 31.56
C LEU A 197 1.30 2.72 30.30
N TRP A 198 0.02 2.36 30.22
CA TRP A 198 -0.43 1.57 29.07
C TRP A 198 -0.45 2.38 27.78
N ASN A 199 -0.38 3.71 27.85
CA ASN A 199 -0.21 4.49 26.62
C ASN A 199 1.14 4.16 25.97
N TYR A 200 2.22 4.27 26.75
CA TYR A 200 3.53 3.90 26.24
C TYR A 200 3.57 2.43 25.88
N ALA A 201 2.91 1.58 26.67
CA ALA A 201 2.90 0.15 26.38
C ALA A 201 2.28 -0.13 25.01
N VAL A 202 1.12 0.48 24.73
CA VAL A 202 0.45 0.24 23.46
C VAL A 202 1.28 0.79 22.31
N LEU A 203 1.82 2.01 22.45
CA LEU A 203 2.61 2.57 21.36
C LEU A 203 3.84 1.71 21.07
N ARG A 204 4.57 1.33 22.11
CA ARG A 204 5.77 0.52 21.92
C ARG A 204 5.43 -0.85 21.36
N GLY A 205 4.33 -1.45 21.82
CA GLY A 205 3.95 -2.75 21.28
C GLY A 205 3.58 -2.69 19.82
N GLN A 206 2.83 -1.66 19.43
CA GLN A 206 2.44 -1.51 18.03
C GLN A 206 3.67 -1.32 17.14
N ILE A 207 4.61 -0.48 17.58
CA ILE A 207 5.79 -0.26 16.74
C ILE A 207 6.74 -1.46 16.75
N PHE A 208 6.84 -2.20 17.85
CA PHE A 208 7.58 -3.45 17.84
C PHE A 208 6.95 -4.46 16.89
N ILE A 209 5.63 -4.55 16.87
CA ILE A 209 4.94 -5.42 15.92
C ILE A 209 5.27 -5.01 14.50
N VAL A 210 5.26 -3.71 14.21
CA VAL A 210 5.59 -3.25 12.87
C VAL A 210 7.02 -3.66 12.51
N TYR A 211 7.96 -3.49 13.43
CA TYR A 211 9.35 -3.81 13.13
C TYR A 211 9.63 -5.31 13.06
N PHE A 212 8.82 -6.13 13.73
CA PHE A 212 9.08 -7.56 13.85
C PHE A 212 8.29 -8.41 12.87
N ILE A 213 7.07 -8.03 12.52
CA ILE A 213 6.28 -8.75 11.53
C ILE A 213 6.85 -8.58 10.13
N ALA A 214 7.32 -7.38 9.80
CA ALA A 214 7.94 -7.16 8.50
C ALA A 214 9.20 -8.01 8.34
N GLY A 215 10.02 -8.08 9.41
CA GLY A 215 11.23 -8.88 9.34
C GLY A 215 10.94 -10.35 9.15
N VAL A 216 9.92 -10.86 9.85
CA VAL A 216 9.55 -12.27 9.72
C VAL A 216 9.00 -12.55 8.32
N LYS A 217 8.20 -11.64 7.78
CA LYS A 217 7.67 -11.85 6.44
C LYS A 217 8.76 -11.75 5.38
N LYS A 218 9.82 -10.99 5.66
CA LYS A 218 10.94 -10.93 4.71
C LYS A 218 11.64 -12.28 4.64
N LEU A 219 11.77 -12.97 5.77
CA LEU A 219 12.36 -14.30 5.78
C LEU A 219 11.52 -15.31 5.01
N ASP A 220 10.29 -15.53 5.47
CA ASP A 220 9.40 -16.55 4.94
C ASP A 220 9.26 -16.45 3.43
N ALA A 221 9.06 -15.24 2.91
CA ALA A 221 8.89 -15.06 1.47
C ALA A 221 10.16 -15.36 0.69
N ASP A 222 11.29 -14.78 1.10
CA ASP A 222 12.49 -14.76 0.27
C ASP A 222 13.06 -16.14 -0.04
N TRP A 223 13.54 -16.86 0.98
CA TRP A 223 14.30 -18.07 0.71
C TRP A 223 13.40 -19.25 0.38
N VAL A 224 12.11 -19.16 0.72
CA VAL A 224 11.19 -20.27 0.46
C VAL A 224 10.72 -20.26 -0.99
N GLU A 225 10.29 -19.10 -1.51
CA GLU A 225 9.77 -19.06 -2.87
C GLU A 225 10.87 -19.11 -3.92
N GLY A 226 12.12 -18.97 -3.51
CA GLY A 226 13.24 -18.99 -4.43
C GLY A 226 13.44 -20.33 -5.12
N VAL A 254 23.09 -10.13 1.28
CA VAL A 254 23.54 -8.89 0.66
C VAL A 254 22.75 -7.73 1.27
N VAL A 255 22.17 -6.88 0.44
CA VAL A 255 21.30 -5.81 0.93
C VAL A 255 20.02 -6.41 1.51
N HIS A 256 19.59 -7.55 0.97
CA HIS A 256 18.36 -8.19 1.45
C HIS A 256 18.48 -8.59 2.90
N TRP A 257 19.62 -9.18 3.28
CA TRP A 257 19.79 -9.68 4.64
C TRP A 257 20.00 -8.54 5.63
N GLY A 258 20.60 -7.44 5.17
CA GLY A 258 20.83 -6.30 6.02
C GLY A 258 19.55 -5.75 6.59
N GLY A 259 18.54 -5.54 5.74
CA GLY A 259 17.28 -5.03 6.21
C GLY A 259 16.58 -5.99 7.16
N LEU A 260 16.64 -7.29 6.88
CA LEU A 260 15.99 -8.29 7.73
C LEU A 260 16.61 -8.31 9.12
N LEU A 261 17.94 -8.43 9.19
CA LEU A 261 18.63 -8.42 10.46
C LEU A 261 18.40 -7.11 11.18
N LEU A 262 18.37 -5.99 10.44
CA LEU A 262 18.08 -4.71 11.07
C LEU A 262 16.71 -4.72 11.70
N ASP A 263 15.71 -5.22 10.98
CA ASP A 263 14.36 -5.30 11.53
C ASP A 263 14.36 -6.01 12.87
N LEU A 264 14.74 -7.30 12.86
CA LEU A 264 14.60 -8.08 14.09
C LEU A 264 15.52 -7.57 15.19
N SER A 265 16.80 -7.39 14.88
CA SER A 265 17.76 -6.96 15.89
C SER A 265 17.41 -5.59 16.44
N ALA A 266 17.02 -4.65 15.56
CA ALA A 266 16.67 -3.32 16.00
C ALA A 266 15.50 -3.35 16.96
N GLY A 267 14.43 -4.06 16.61
CA GLY A 267 13.33 -4.16 17.55
C GLY A 267 13.76 -4.68 18.90
N PHE A 268 14.38 -5.86 18.89
CA PHE A 268 14.71 -6.53 20.14
C PHE A 268 15.68 -5.70 20.98
N LEU A 269 16.78 -5.26 20.39
CA LEU A 269 17.79 -4.52 21.14
C LEU A 269 17.26 -3.15 21.57
N LEU A 270 16.45 -2.50 20.74
CA LEU A 270 15.89 -1.22 21.13
C LEU A 270 15.00 -1.35 22.36
N PHE A 271 14.35 -2.49 22.54
CA PHE A 271 13.66 -2.64 23.83
C PHE A 271 14.63 -2.73 25.01
N PHE A 272 15.53 -3.72 24.99
CA PHE A 272 16.34 -4.04 26.16
C PHE A 272 17.39 -2.97 26.49
N ASP A 273 17.16 -2.28 27.62
CA ASP A 273 18.09 -1.38 28.31
C ASP A 273 19.32 -0.94 27.50
N VAL A 274 20.50 -1.45 27.89
CA VAL A 274 21.75 -0.95 27.33
C VAL A 274 21.89 -1.42 25.89
N SER A 275 21.70 -0.49 24.95
CA SER A 275 21.64 -0.75 23.51
C SER A 275 21.02 0.44 22.80
N ARG A 276 20.44 1.36 23.58
CA ARG A 276 19.65 2.45 23.02
C ARG A 276 20.50 3.34 22.12
N SER A 277 21.71 3.70 22.56
CA SER A 277 22.54 4.62 21.79
C SER A 277 22.90 4.03 20.43
N ILE A 278 23.46 2.82 20.43
CA ILE A 278 23.79 2.15 19.18
C ILE A 278 22.52 1.84 18.39
N GLY A 279 21.47 1.40 19.09
CA GLY A 279 20.22 1.12 18.42
C GLY A 279 19.58 2.35 17.80
N LEU A 280 19.56 3.46 18.54
CA LEU A 280 19.04 4.70 17.98
C LEU A 280 19.86 5.13 16.79
N PHE A 281 21.19 5.04 16.90
CA PHE A 281 22.05 5.40 15.77
C PHE A 281 21.73 4.58 14.53
N PHE A 282 21.65 3.26 14.68
CA PHE A 282 21.44 2.38 13.53
C PHE A 282 20.06 2.59 12.91
N VAL A 283 19.02 2.63 13.75
CA VAL A 283 17.67 2.79 13.23
C VAL A 283 17.51 4.15 12.56
N SER A 284 18.04 5.20 13.18
CA SER A 284 17.95 6.53 12.58
C SER A 284 18.70 6.59 11.26
N TYR A 285 19.88 5.97 11.19
CA TYR A 285 20.62 5.95 9.93
C TYR A 285 19.83 5.23 8.84
N PHE A 286 19.27 4.07 9.17
CA PHE A 286 18.51 3.32 8.18
C PHE A 286 17.31 4.11 7.70
N HIS A 287 16.59 4.75 8.62
CA HIS A 287 15.35 5.41 8.25
C HIS A 287 15.62 6.72 7.51
N CYS A 288 16.75 7.36 7.79
CA CYS A 288 17.11 8.56 7.04
C CYS A 288 17.64 8.20 5.67
N MET A 289 18.35 7.09 5.54
CA MET A 289 18.85 6.66 4.24
C MET A 289 17.74 6.10 3.34
N ASN A 290 16.70 5.53 3.94
CA ASN A 290 15.59 5.01 3.13
C ASN A 290 14.85 6.10 2.37
N SER A 291 14.98 7.35 2.79
CA SER A 291 14.47 8.47 2.01
C SER A 291 15.41 8.73 0.84
N GLN A 292 14.85 9.30 -0.23
CA GLN A 292 15.55 9.49 -1.51
C GLN A 292 16.00 8.18 -2.13
N LEU A 293 15.51 7.04 -1.63
CA LEU A 293 15.83 5.74 -2.20
C LEU A 293 14.53 4.98 -2.45
N PHE A 294 13.53 5.21 -1.62
CA PHE A 294 12.17 4.74 -1.83
C PHE A 294 11.22 5.94 -1.87
N SER A 295 10.22 5.86 -2.73
CA SER A 295 9.15 6.86 -2.77
C SER A 295 8.04 6.50 -1.79
N ILE A 296 8.43 6.26 -0.53
CA ILE A 296 7.48 5.83 0.48
C ILE A 296 6.70 7.00 1.06
N GLY A 297 7.13 8.24 0.83
CA GLY A 297 6.43 9.38 1.35
C GLY A 297 7.02 9.88 2.66
N MET A 298 6.19 9.93 3.70
CA MET A 298 6.63 10.34 5.02
C MET A 298 6.64 9.18 6.01
N PHE A 299 6.57 7.94 5.51
CA PHE A 299 6.62 6.79 6.39
C PHE A 299 7.95 6.66 7.11
N SER A 300 9.03 7.19 6.53
CA SER A 300 10.31 7.16 7.22
C SER A 300 10.33 8.13 8.41
N TYR A 301 9.77 9.32 8.22
CA TYR A 301 9.77 10.33 9.27
C TYR A 301 8.90 9.96 10.46
N VAL A 302 7.81 9.23 10.26
CA VAL A 302 7.01 8.78 11.39
C VAL A 302 7.79 7.85 12.31
N MET A 303 8.55 6.91 11.75
CA MET A 303 9.39 6.04 12.57
C MET A 303 10.60 6.77 13.13
N LEU A 304 11.21 7.71 12.42
CA LEU A 304 12.33 8.50 12.99
C LEU A 304 11.86 9.28 14.20
N ALA A 305 10.56 9.31 14.49
CA ALA A 305 10.03 10.16 15.59
C ALA A 305 9.29 9.25 16.49
N SER A 306 9.21 7.98 16.13
CA SER A 306 8.49 6.97 16.93
C SER A 306 9.52 6.23 17.74
N SER A 307 10.80 6.47 17.45
CA SER A 307 11.91 5.78 18.13
C SER A 307 12.18 6.44 19.45
N PRO A 308 12.34 7.75 19.58
CA PRO A 308 12.50 8.32 20.86
C PRO A 308 11.29 8.16 21.78
N LEU A 309 10.50 7.11 21.68
CA LEU A 309 9.38 6.82 22.58
C LEU A 309 9.81 5.53 23.25
N PHE A 310 11.02 5.11 22.94
CA PHE A 310 11.57 3.87 23.51
C PHE A 310 12.67 4.29 24.44
N CYS A 311 12.72 5.57 24.73
CA CYS A 311 13.71 6.13 25.68
C CYS A 311 12.98 6.29 26.99
N SER A 312 13.67 6.75 28.01
CA SER A 312 13.00 6.99 29.28
C SER A 312 11.93 8.06 29.09
N PRO A 313 10.77 7.95 29.74
CA PRO A 313 9.68 8.90 29.45
C PRO A 313 9.87 10.25 30.13
N GLU A 314 11.11 10.75 30.14
CA GLU A 314 11.38 12.09 30.65
C GLU A 314 12.48 12.80 29.84
N TRP A 315 12.81 12.29 28.64
CA TRP A 315 13.96 12.82 27.92
C TRP A 315 13.84 14.32 27.58
N PRO A 316 12.69 14.88 27.21
CA PRO A 316 12.64 16.33 27.01
C PRO A 316 13.03 17.12 28.24
N ARG A 317 12.64 16.66 29.43
CA ARG A 317 12.95 17.40 30.65
C ARG A 317 14.45 17.36 30.95
N LYS A 318 15.10 16.23 30.68
CA LYS A 318 16.54 16.16 30.87
C LYS A 318 17.32 16.88 29.78
N LEU A 319 16.75 17.02 28.59
CA LEU A 319 17.44 17.69 27.49
C LEU A 319 17.44 19.20 27.63
N VAL A 320 16.38 19.79 28.17
CA VAL A 320 16.29 21.25 28.27
C VAL A 320 17.28 21.77 29.32
N SER A 321 17.48 21.00 30.39
CA SER A 321 18.28 21.44 31.53
C SER A 321 19.66 21.96 31.13
N TYR A 322 20.48 21.11 30.50
CA TYR A 322 21.78 21.55 30.03
C TYR A 322 21.64 22.30 28.71
N CYS A 323 22.78 22.53 28.04
CA CYS A 323 22.85 23.42 26.89
C CYS A 323 22.39 24.81 27.32
N PRO A 324 23.23 25.54 28.05
CA PRO A 324 22.79 26.78 28.71
C PRO A 324 22.16 27.79 27.77
N ARG A 325 21.49 28.77 28.37
CA ARG A 325 20.54 29.65 27.69
C ARG A 325 20.46 30.95 28.49
N ARG A 326 19.51 31.81 28.12
CA ARG A 326 19.16 32.97 28.92
C ARG A 326 17.79 32.86 29.59
N LEU A 327 16.90 32.02 29.08
CA LEU A 327 15.54 31.88 29.63
C LEU A 327 15.08 30.45 29.47
N GLN A 328 14.69 29.82 30.58
CA GLN A 328 14.04 28.51 30.59
C GLN A 328 12.74 28.54 31.39
N GLN A 329 12.11 29.71 31.47
CA GLN A 329 10.94 29.90 32.32
C GLN A 329 9.68 30.29 31.56
N LEU A 330 9.76 30.57 30.26
CA LEU A 330 8.56 30.87 29.50
C LEU A 330 7.62 29.67 29.49
N LEU A 331 8.14 28.50 29.12
CA LEU A 331 7.41 27.25 29.25
C LEU A 331 7.33 26.90 30.73
N PRO A 332 6.33 26.11 31.17
CA PRO A 332 6.21 25.81 32.61
C PRO A 332 7.48 25.21 33.19
N LEU A 333 7.97 25.80 34.28
CA LEU A 333 9.21 25.32 34.89
C LEU A 333 9.02 23.89 35.38
N LYS A 334 9.94 23.02 34.99
CA LYS A 334 9.81 21.58 35.24
C LYS A 334 10.26 21.29 36.66
N ALA A 335 9.32 21.28 37.60
CA ALA A 335 9.60 20.90 38.98
C ALA A 335 9.09 19.50 39.28
N ALA A 336 7.80 19.24 39.07
CA ALA A 336 7.20 17.94 39.33
C ALA A 336 5.79 17.90 38.74
N PRO A 337 5.36 16.75 38.22
CA PRO A 337 3.98 16.65 37.72
C PRO A 337 2.95 16.72 38.85
N GLN A 338 1.68 16.66 38.49
CA GLN A 338 0.59 16.71 39.44
C GLN A 338 -0.22 15.42 39.38
N PRO A 339 -0.67 14.90 40.52
CA PRO A 339 -1.45 13.66 40.50
C PRO A 339 -2.69 13.79 39.63
N SER A 340 -2.98 12.72 38.89
CA SER A 340 -4.10 12.70 37.96
C SER A 340 -5.26 11.92 38.54
N VAL A 341 -6.37 11.89 37.81
CA VAL A 341 -7.54 11.12 38.22
C VAL A 341 -7.44 9.67 37.73
N SER A 342 -6.94 9.47 36.52
CA SER A 342 -6.85 8.13 35.93
C SER A 342 -5.46 7.57 36.13
N CYS A 343 -5.13 7.21 37.36
CA CYS A 343 -3.85 6.60 37.69
C CYS A 343 -3.96 5.90 39.04
N VAL A 344 -3.82 4.57 39.07
CA VAL A 344 -3.96 3.86 40.33
C VAL A 344 -2.72 4.08 41.18
N TYR A 345 -2.92 4.67 42.35
CA TYR A 345 -1.84 5.03 43.26
C TYR A 345 -1.74 4.01 44.39
N LYS A 346 -0.57 3.99 45.02
CA LYS A 346 -0.30 3.07 46.13
C LYS A 346 -0.79 3.70 47.43
N ARG A 347 -2.08 3.49 47.70
CA ARG A 347 -2.68 3.97 48.94
C ARG A 347 -2.12 3.21 50.14
N SER A 348 -2.39 3.73 51.33
CA SER A 348 -1.90 3.14 52.55
C SER A 348 -2.36 1.69 52.68
N ARG A 349 -1.39 0.78 52.68
CA ARG A 349 -1.68 -0.65 52.75
C ARG A 349 -2.23 -1.08 54.11
N GLY A 350 -2.17 -0.20 55.12
CA GLY A 350 -2.71 -0.56 56.42
C GLY A 350 -4.21 -0.79 56.39
N LYS A 351 -4.94 0.07 55.69
CA LYS A 351 -6.39 -0.08 55.60
C LYS A 351 -6.78 -0.95 54.42
N SER A 352 -6.38 -0.58 53.21
CA SER A 352 -6.69 -1.30 51.98
C SER A 352 -6.00 -0.56 50.83
N GLY A 353 -5.94 -1.23 49.68
CA GLY A 353 -5.42 -0.60 48.48
C GLY A 353 -6.50 0.07 47.66
N GLN A 354 -6.07 0.85 46.68
CA GLN A 354 -7.01 1.55 45.80
C GLN A 354 -7.79 0.54 44.95
N LYS A 355 -9.07 0.83 44.74
CA LYS A 355 -9.91 0.00 43.90
C LYS A 355 -10.01 0.65 42.53
N PRO A 356 -9.42 0.07 41.49
CA PRO A 356 -9.47 0.70 40.17
C PRO A 356 -10.88 0.72 39.60
N GLY A 357 -11.16 1.75 38.81
CA GLY A 357 -12.45 1.93 38.18
C GLY A 357 -12.46 1.42 36.74
N LEU A 358 -13.51 1.84 36.02
CA LEU A 358 -13.66 1.43 34.63
C LEU A 358 -12.53 1.98 33.77
N ARG A 359 -12.12 3.22 34.03
CA ARG A 359 -11.05 3.87 33.23
C ARG A 359 -9.70 3.19 33.43
N HIS A 360 -9.57 2.32 34.42
CA HIS A 360 -8.36 1.53 34.61
C HIS A 360 -8.51 0.12 34.06
N GLN A 361 -9.60 -0.57 34.40
CA GLN A 361 -9.78 -1.94 33.92
C GLN A 361 -9.93 -1.98 32.40
N LEU A 362 -10.73 -1.08 31.82
CA LEU A 362 -10.84 -1.01 30.38
C LEU A 362 -9.53 -0.56 29.74
N GLY A 363 -8.86 0.41 30.35
CA GLY A 363 -7.57 0.84 29.84
C GLY A 363 -6.50 -0.21 29.87
N ALA A 364 -6.65 -1.22 30.74
CA ALA A 364 -5.75 -2.37 30.74
C ALA A 364 -6.18 -3.45 29.76
N ALA A 365 -7.48 -3.74 29.66
CA ALA A 365 -7.94 -4.80 28.78
C ALA A 365 -7.79 -4.40 27.31
N PHE A 366 -7.88 -3.09 27.02
CA PHE A 366 -7.75 -2.64 25.65
C PHE A 366 -6.38 -2.96 25.08
N THR A 367 -5.33 -2.82 25.91
CA THR A 367 -3.98 -3.12 25.45
C THR A 367 -3.87 -4.56 24.96
N LEU A 368 -4.36 -5.51 25.76
CA LEU A 368 -4.28 -6.91 25.37
C LEU A 368 -5.14 -7.19 24.15
N LEU A 369 -6.41 -6.77 24.19
CA LEU A 369 -7.33 -7.08 23.10
C LEU A 369 -6.94 -6.38 21.80
N TYR A 370 -6.09 -5.37 21.87
CA TYR A 370 -5.62 -4.70 20.67
C TYR A 370 -4.32 -5.30 20.15
N LEU A 371 -3.37 -5.57 21.04
CA LEU A 371 -2.10 -6.13 20.59
C LEU A 371 -2.28 -7.55 20.06
N LEU A 372 -3.12 -8.37 20.70
CA LEU A 372 -3.35 -9.72 20.20
C LEU A 372 -3.96 -9.68 18.80
N GLU A 373 -4.97 -8.82 18.60
CA GLU A 373 -5.61 -8.72 17.29
C GLU A 373 -4.63 -8.19 16.24
N GLN A 374 -3.80 -7.21 16.62
CA GLN A 374 -2.79 -6.70 15.70
C GLN A 374 -1.80 -7.77 15.32
N LEU A 375 -1.45 -8.67 16.24
CA LEU A 375 -0.52 -9.73 15.90
C LEU A 375 -1.17 -10.81 15.05
N PHE A 376 -2.47 -11.06 15.26
CA PHE A 376 -3.18 -12.09 14.51
C PHE A 376 -3.52 -11.65 13.09
N LEU A 377 -3.76 -10.36 12.87
CA LEU A 377 -4.28 -9.91 11.57
C LEU A 377 -3.37 -10.20 10.39
N PRO A 378 -2.07 -9.89 10.41
CA PRO A 378 -1.25 -10.11 9.20
C PRO A 378 -1.15 -11.57 8.78
N TYR A 379 -1.57 -12.51 9.64
CA TYR A 379 -1.60 -13.92 9.30
C TYR A 379 -3.03 -14.43 9.12
N SER A 380 -3.98 -13.54 8.93
CA SER A 380 -5.38 -13.90 8.68
C SER A 380 -5.65 -14.16 7.21
N HIS A 381 -4.62 -14.50 6.43
CA HIS A 381 -4.81 -14.71 5.00
C HIS A 381 -5.76 -15.88 4.75
N PHE A 382 -5.62 -16.96 5.52
CA PHE A 382 -6.38 -18.18 5.22
C PHE A 382 -7.86 -18.03 5.48
N LEU A 383 -8.31 -16.95 6.14
CA LEU A 383 -9.74 -16.77 6.33
C LEU A 383 -10.37 -16.01 5.16
N THR A 384 -9.63 -15.07 4.56
CA THR A 384 -10.08 -14.35 3.38
C THR A 384 -9.42 -15.01 2.17
N GLN A 385 -10.17 -15.89 1.50
CA GLN A 385 -9.65 -16.64 0.37
C GLN A 385 -10.04 -16.04 -0.98
N GLY A 386 -11.25 -15.47 -1.09
CA GLY A 386 -11.66 -14.87 -2.34
C GLY A 386 -10.79 -13.70 -2.77
N TYR A 387 -10.16 -13.02 -1.82
CA TYR A 387 -9.25 -11.92 -2.10
C TYR A 387 -7.87 -12.39 -2.49
N ASN A 388 -7.59 -13.69 -2.38
CA ASN A 388 -6.26 -14.23 -2.60
C ASN A 388 -6.08 -14.58 -4.07
N ASN A 389 -5.35 -13.73 -4.78
CA ASN A 389 -4.85 -14.09 -6.10
C ASN A 389 -3.62 -14.97 -5.89
N TRP A 390 -2.83 -15.17 -6.95
CA TRP A 390 -1.68 -16.08 -6.87
C TRP A 390 -0.77 -15.76 -5.69
N THR A 391 -0.38 -14.50 -5.54
CA THR A 391 0.61 -14.13 -4.53
C THR A 391 0.06 -13.24 -3.42
N ASN A 392 -0.48 -12.06 -3.75
CA ASN A 392 -0.78 -11.05 -2.76
C ASN A 392 -2.28 -10.79 -2.69
N GLY A 393 -2.88 -11.10 -1.55
CA GLY A 393 -4.29 -10.85 -1.36
C GLY A 393 -4.57 -9.64 -0.50
N LEU A 394 -5.09 -8.58 -1.12
CA LEU A 394 -5.45 -7.34 -0.42
C LEU A 394 -4.24 -6.71 0.26
N TYR A 395 -3.33 -6.22 -0.58
CA TYR A 395 -2.20 -5.39 -0.15
C TYR A 395 -2.68 -4.33 0.84
N GLY A 396 -1.83 -3.92 1.77
CA GLY A 396 -2.33 -3.23 2.93
C GLY A 396 -1.82 -3.80 4.24
N TYR A 397 -2.70 -4.48 4.97
CA TYR A 397 -2.43 -4.87 6.35
C TYR A 397 -1.45 -6.03 6.47
N SER A 398 -0.28 -5.91 5.85
CA SER A 398 0.65 -7.02 5.82
C SER A 398 2.08 -6.67 6.19
N TRP A 399 2.44 -5.39 6.17
CA TRP A 399 3.81 -4.94 6.46
C TRP A 399 4.82 -5.64 5.54
N ASP A 400 4.44 -5.83 4.28
CA ASP A 400 5.32 -6.43 3.28
C ASP A 400 5.14 -5.73 1.95
N MET A 401 6.10 -5.94 1.05
CA MET A 401 6.10 -5.28 -0.25
C MET A 401 5.24 -6.05 -1.25
N MET A 402 4.72 -5.33 -2.23
CA MET A 402 3.78 -5.89 -3.20
C MET A 402 4.54 -6.63 -4.30
N VAL A 403 3.81 -7.06 -5.33
CA VAL A 403 4.39 -7.62 -6.54
C VAL A 403 4.25 -6.58 -7.64
N HIS A 404 5.35 -6.33 -8.35
CA HIS A 404 5.44 -5.19 -9.28
C HIS A 404 4.77 -5.49 -10.62
N SER A 405 3.51 -5.91 -10.54
CA SER A 405 2.62 -6.12 -11.68
C SER A 405 3.19 -7.06 -12.73
N ARG A 406 4.16 -7.91 -12.36
CA ARG A 406 4.88 -8.82 -13.25
C ARG A 406 5.10 -8.21 -14.63
N SER A 407 4.48 -8.78 -15.66
CA SER A 407 4.43 -8.20 -16.99
C SER A 407 3.08 -8.60 -17.59
N HIS A 408 2.08 -7.74 -17.43
CA HIS A 408 0.70 -8.16 -17.62
C HIS A 408 0.37 -8.32 -19.10
N GLN A 409 0.78 -7.35 -19.92
CA GLN A 409 0.67 -7.45 -21.37
C GLN A 409 -0.76 -7.64 -21.87
N HIS A 410 -0.92 -8.42 -22.93
CA HIS A 410 -2.13 -8.48 -23.75
C HIS A 410 -3.40 -8.67 -22.92
N VAL A 411 -4.41 -7.85 -23.23
CA VAL A 411 -5.76 -8.00 -22.70
C VAL A 411 -6.73 -7.93 -23.87
N LYS A 412 -7.75 -8.79 -23.85
CA LYS A 412 -8.66 -8.98 -24.98
C LYS A 412 -10.11 -9.00 -24.51
N ILE A 413 -10.51 -7.98 -23.76
CA ILE A 413 -11.91 -7.84 -23.33
C ILE A 413 -12.82 -7.90 -24.54
N THR A 414 -13.82 -8.79 -24.50
CA THR A 414 -14.81 -8.88 -25.57
C THR A 414 -16.19 -9.04 -24.95
N TYR A 415 -17.21 -8.72 -25.73
CA TYR A 415 -18.57 -8.72 -25.21
C TYR A 415 -19.53 -9.26 -26.27
N ARG A 416 -20.63 -9.84 -25.79
CA ARG A 416 -21.73 -10.27 -26.62
C ARG A 416 -23.02 -9.62 -26.13
N ASP A 417 -23.78 -9.07 -27.05
CA ASP A 417 -25.05 -8.44 -26.72
C ASP A 417 -26.10 -9.50 -26.39
N GLY A 418 -26.92 -9.22 -25.39
CA GLY A 418 -27.96 -10.14 -24.99
C GLY A 418 -29.22 -10.13 -25.82
N ARG A 419 -29.32 -9.21 -26.78
CA ARG A 419 -30.50 -9.09 -27.64
C ARG A 419 -30.25 -9.52 -29.07
N THR A 420 -29.19 -9.01 -29.70
CA THR A 420 -28.87 -9.34 -31.08
C THR A 420 -27.79 -10.39 -31.22
N GLY A 421 -27.13 -10.78 -30.14
CA GLY A 421 -26.10 -11.79 -30.19
C GLY A 421 -24.92 -11.42 -31.07
N GLU A 422 -24.42 -10.20 -30.91
CA GLU A 422 -23.32 -9.69 -31.72
C GLU A 422 -22.07 -9.51 -30.87
N LEU A 423 -20.92 -9.80 -31.45
CA LEU A 423 -19.65 -9.67 -30.75
C LEU A 423 -19.08 -8.27 -30.90
N GLY A 424 -18.39 -7.82 -29.86
CA GLY A 424 -17.80 -6.49 -29.86
C GLY A 424 -16.53 -6.47 -29.05
N TYR A 425 -15.61 -5.58 -29.42
CA TYR A 425 -14.32 -5.45 -28.78
C TYR A 425 -14.20 -4.10 -28.11
N LEU A 426 -13.58 -4.09 -26.93
CA LEU A 426 -13.34 -2.87 -26.16
C LEU A 426 -11.85 -2.75 -25.87
N ASN A 427 -11.32 -1.55 -26.06
CA ASN A 427 -9.92 -1.33 -25.71
C ASN A 427 -9.74 -1.46 -24.21
N PRO A 428 -8.59 -1.99 -23.76
CA PRO A 428 -8.39 -2.21 -22.32
C PRO A 428 -8.47 -0.90 -21.53
N GLY A 429 -9.08 -0.97 -20.36
CA GLY A 429 -9.12 0.16 -19.45
C GLY A 429 -9.73 1.42 -20.05
N VAL A 430 -10.88 1.27 -20.69
CA VAL A 430 -11.52 2.42 -21.35
C VAL A 430 -12.07 3.40 -20.32
N PHE A 431 -12.65 2.89 -19.24
CA PHE A 431 -13.29 3.73 -18.22
C PHE A 431 -12.40 4.02 -17.02
N THR A 432 -11.80 2.99 -16.44
CA THR A 432 -11.19 3.09 -15.13
C THR A 432 -9.99 4.04 -15.14
N GLN A 433 -9.53 4.37 -13.94
CA GLN A 433 -8.37 5.24 -13.74
C GLN A 433 -7.13 4.49 -13.31
N SER A 434 -7.25 3.22 -12.94
CA SER A 434 -6.13 2.43 -12.47
C SER A 434 -5.91 1.23 -13.38
N ARG A 435 -4.75 0.59 -13.20
CA ARG A 435 -4.39 -0.63 -13.89
C ARG A 435 -4.50 -1.86 -12.99
N ARG A 436 -4.62 -1.67 -11.67
CA ARG A 436 -4.64 -2.78 -10.72
C ARG A 436 -5.88 -3.66 -10.84
N TRP A 437 -6.90 -3.25 -11.60
CA TRP A 437 -8.08 -4.09 -11.71
C TRP A 437 -7.81 -5.36 -12.49
N LYS A 438 -6.66 -5.45 -13.15
CA LYS A 438 -6.40 -6.54 -14.08
C LYS A 438 -6.11 -7.85 -13.34
N ASP A 439 -5.16 -7.83 -12.42
CA ASP A 439 -4.71 -9.03 -11.71
C ASP A 439 -5.37 -9.12 -10.34
N HIS A 440 -6.69 -9.31 -10.33
CA HIS A 440 -7.43 -9.48 -9.07
C HIS A 440 -8.82 -10.02 -9.32
N ALA A 441 -9.20 -11.08 -8.59
CA ALA A 441 -10.52 -11.64 -8.75
C ALA A 441 -11.60 -10.73 -8.15
N ASP A 442 -11.27 -10.01 -7.09
CA ASP A 442 -12.23 -9.13 -6.43
C ASP A 442 -12.43 -7.81 -7.18
N MET A 443 -11.49 -7.42 -8.02
CA MET A 443 -11.59 -6.21 -8.82
C MET A 443 -12.19 -6.45 -10.20
N LEU A 444 -11.88 -7.60 -10.81
CA LEU A 444 -12.46 -7.95 -12.10
C LEU A 444 -13.97 -8.08 -12.04
N LYS A 445 -14.50 -8.68 -10.97
CA LYS A 445 -15.94 -8.77 -10.83
C LYS A 445 -16.59 -7.38 -10.72
N GLN A 446 -15.98 -6.48 -9.95
CA GLN A 446 -16.51 -5.12 -9.85
C GLN A 446 -16.47 -4.42 -11.21
N TYR A 447 -15.38 -4.58 -11.95
CA TYR A 447 -15.29 -3.96 -13.27
C TYR A 447 -16.35 -4.51 -14.21
N ALA A 448 -16.55 -5.83 -14.21
CA ALA A 448 -17.56 -6.43 -15.08
C ALA A 448 -18.95 -5.96 -14.70
N THR A 449 -19.24 -5.87 -13.41
CA THR A 449 -20.57 -5.43 -12.98
C THR A 449 -20.80 -3.96 -13.33
N CYS A 450 -19.78 -3.11 -13.16
CA CYS A 450 -19.92 -1.71 -13.56
C CYS A 450 -20.18 -1.59 -15.05
N LEU A 451 -19.45 -2.35 -15.87
CA LEU A 451 -19.69 -2.32 -17.30
C LEU A 451 -21.09 -2.81 -17.63
N SER A 452 -21.55 -3.85 -16.94
CA SER A 452 -22.91 -4.34 -17.16
C SER A 452 -23.95 -3.29 -16.81
N ARG A 453 -23.72 -2.54 -15.73
CA ARG A 453 -24.64 -1.47 -15.37
C ARG A 453 -24.65 -0.36 -16.41
N LEU A 454 -23.48 0.02 -16.91
CA LEU A 454 -23.37 1.26 -17.67
C LEU A 454 -23.59 1.07 -19.17
N LEU A 455 -23.24 -0.09 -19.73
CA LEU A 455 -23.36 -0.30 -21.17
C LEU A 455 -24.78 -0.11 -21.71
N PRO A 456 -25.86 -0.54 -21.04
CA PRO A 456 -27.20 -0.33 -21.62
C PRO A 456 -27.53 1.12 -21.94
N LYS A 457 -26.74 2.08 -21.46
CA LYS A 457 -26.86 3.45 -21.93
C LYS A 457 -26.08 3.70 -23.21
N TYR A 458 -25.47 2.67 -23.78
CA TYR A 458 -24.71 2.76 -25.02
C TYR A 458 -25.26 1.81 -26.07
N ASN A 459 -26.59 1.66 -26.11
CA ASN A 459 -27.29 0.87 -27.11
C ASN A 459 -26.90 -0.62 -27.04
N VAL A 460 -26.78 -1.13 -25.82
CA VAL A 460 -26.55 -2.54 -25.57
C VAL A 460 -27.55 -2.94 -24.47
N THR A 461 -27.60 -4.24 -24.15
CA THR A 461 -28.46 -4.68 -23.06
C THR A 461 -27.94 -6.01 -22.51
N GLU A 462 -27.83 -6.08 -21.17
CA GLU A 462 -27.26 -7.16 -20.37
C GLU A 462 -26.09 -7.87 -21.07
N PRO A 463 -25.07 -7.12 -21.51
CA PRO A 463 -23.99 -7.76 -22.26
C PRO A 463 -23.21 -8.75 -21.41
N GLN A 464 -22.71 -9.79 -22.07
CA GLN A 464 -21.87 -10.80 -21.43
C GLN A 464 -20.43 -10.57 -21.83
N ILE A 465 -19.55 -10.42 -20.85
CA ILE A 465 -18.17 -10.01 -21.08
C ILE A 465 -17.23 -11.15 -20.76
N TYR A 466 -16.23 -11.35 -21.63
CA TYR A 466 -15.20 -12.36 -21.47
C TYR A 466 -13.84 -11.70 -21.55
N PHE A 467 -12.94 -12.07 -20.63
CA PHE A 467 -11.58 -11.55 -20.58
C PHE A 467 -10.58 -12.61 -21.02
N ASP A 468 -9.46 -12.16 -21.57
CA ASP A 468 -8.35 -13.04 -21.95
C ASP A 468 -7.06 -12.36 -21.52
N ILE A 469 -6.60 -12.66 -20.32
CA ILE A 469 -5.46 -11.99 -19.72
C ILE A 469 -4.28 -12.95 -19.77
N TRP A 470 -3.26 -12.60 -20.54
CA TRP A 470 -2.06 -13.43 -20.69
C TRP A 470 -0.92 -12.83 -19.87
N VAL A 471 -0.88 -13.19 -18.60
CA VAL A 471 0.19 -12.70 -17.73
C VAL A 471 1.51 -13.32 -18.14
N SER A 472 2.59 -12.74 -17.62
CA SER A 472 3.92 -13.33 -17.68
C SER A 472 4.43 -13.40 -16.26
N ILE A 473 4.53 -14.61 -15.71
CA ILE A 473 4.75 -14.76 -14.27
C ILE A 473 6.08 -14.15 -13.86
N ASN A 474 7.17 -14.51 -14.55
CA ASN A 474 8.43 -13.79 -14.37
C ASN A 474 8.87 -13.11 -15.66
N ASP A 475 9.22 -13.87 -16.70
CA ASP A 475 9.28 -13.31 -18.04
C ASP A 475 8.99 -14.31 -19.14
N ARG A 476 8.76 -15.59 -18.83
CA ARG A 476 8.70 -16.60 -19.88
C ARG A 476 7.67 -17.69 -19.58
N PHE A 477 6.59 -17.36 -18.87
CA PHE A 477 5.59 -18.37 -18.54
C PHE A 477 4.18 -17.84 -18.79
N GLN A 478 3.94 -17.31 -19.99
CA GLN A 478 2.61 -16.86 -20.38
C GLN A 478 1.56 -17.91 -20.04
N GLN A 479 0.65 -17.57 -19.13
CA GLN A 479 -0.36 -18.50 -18.65
C GLN A 479 -1.67 -17.75 -18.43
N ARG A 480 -2.77 -18.33 -18.88
CA ARG A 480 -4.07 -17.68 -18.73
C ARG A 480 -4.48 -17.63 -17.27
N ILE A 481 -4.39 -16.44 -16.66
CA ILE A 481 -4.75 -16.30 -15.26
C ILE A 481 -6.26 -16.43 -15.08
N PHE A 482 -7.03 -15.87 -15.99
CA PHE A 482 -8.49 -15.86 -15.88
C PHE A 482 -9.10 -16.66 -17.02
N ASP A 483 -10.15 -17.42 -16.71
CA ASP A 483 -10.72 -18.35 -17.67
C ASP A 483 -11.42 -17.60 -18.80
N PRO A 484 -11.08 -17.87 -20.06
CA PRO A 484 -11.81 -17.24 -21.18
C PRO A 484 -13.28 -17.56 -21.22
N ARG A 485 -13.66 -18.79 -20.88
CA ARG A 485 -15.01 -19.30 -21.16
C ARG A 485 -16.06 -18.82 -20.17
N VAL A 486 -15.68 -18.36 -19.00
CA VAL A 486 -16.64 -18.00 -17.97
C VAL A 486 -17.14 -16.58 -18.21
N ASP A 487 -18.41 -16.34 -17.89
CA ASP A 487 -18.99 -15.01 -17.91
C ASP A 487 -18.79 -14.38 -16.54
N ILE A 488 -18.02 -13.28 -16.50
CA ILE A 488 -17.63 -12.69 -15.22
C ILE A 488 -18.83 -12.07 -14.52
N VAL A 489 -19.79 -11.54 -15.26
CA VAL A 489 -20.90 -10.80 -14.66
C VAL A 489 -21.73 -11.71 -13.76
N GLN A 490 -22.06 -12.90 -14.24
CA GLN A 490 -22.94 -13.80 -13.52
C GLN A 490 -22.20 -14.87 -12.72
N ALA A 491 -20.88 -14.87 -12.74
CA ALA A 491 -20.12 -15.83 -11.97
C ALA A 491 -20.26 -15.54 -10.48
N ALA A 492 -20.37 -16.59 -9.68
CA ALA A 492 -20.51 -16.44 -8.24
C ALA A 492 -19.19 -16.01 -7.62
N TRP A 493 -19.28 -15.16 -6.59
CA TRP A 493 -18.10 -14.67 -5.89
C TRP A 493 -18.46 -14.41 -4.44
N SER A 494 -17.51 -14.66 -3.55
CA SER A 494 -17.71 -14.44 -2.12
C SER A 494 -16.35 -14.21 -1.47
N PRO A 495 -16.27 -13.32 -0.48
CA PRO A 495 -14.97 -13.03 0.14
C PRO A 495 -14.31 -14.25 0.76
N PHE A 496 -15.09 -15.14 1.37
CA PHE A 496 -14.52 -16.30 2.05
C PHE A 496 -14.40 -17.51 1.16
N GLN A 497 -15.47 -17.87 0.44
CA GLN A 497 -15.44 -19.03 -0.43
C GLN A 497 -14.43 -18.83 -1.56
N ARG A 498 -13.71 -19.89 -1.90
CA ARG A 498 -12.70 -19.82 -2.94
C ARG A 498 -13.34 -19.61 -4.30
N THR A 499 -12.73 -18.75 -5.11
CA THR A 499 -13.22 -18.49 -6.45
C THR A 499 -12.99 -19.71 -7.35
N SER A 500 -13.86 -19.86 -8.35
CA SER A 500 -13.85 -21.05 -9.19
C SER A 500 -13.29 -20.81 -10.59
N TRP A 501 -13.11 -19.55 -11.00
CA TRP A 501 -12.68 -19.24 -12.36
C TRP A 501 -11.27 -18.70 -12.42
N VAL A 502 -10.49 -18.85 -11.35
CA VAL A 502 -9.07 -18.52 -11.35
C VAL A 502 -8.32 -19.82 -11.63
N GLN A 503 -7.50 -19.81 -12.68
CA GLN A 503 -6.85 -21.06 -13.04
C GLN A 503 -5.69 -21.35 -12.08
N PRO A 504 -5.54 -22.60 -11.65
CA PRO A 504 -4.45 -22.94 -10.73
C PRO A 504 -3.08 -22.67 -11.34
N LEU A 505 -2.16 -22.25 -10.50
CA LEU A 505 -0.81 -21.94 -10.94
C LEU A 505 -0.10 -23.20 -11.42
N LEU A 506 0.64 -23.08 -12.52
CA LEU A 506 1.45 -24.16 -13.05
C LEU A 506 2.93 -23.78 -13.03
N MET A 507 3.39 -23.17 -11.93
CA MET A 507 4.69 -22.52 -11.88
C MET A 507 5.82 -23.39 -12.43
N ASP A 508 6.13 -24.50 -11.75
CA ASP A 508 7.03 -25.49 -12.36
C ASP A 508 6.22 -26.49 -13.18
N LEU A 509 5.52 -27.39 -12.49
CA LEU A 509 4.52 -28.31 -13.05
C LEU A 509 4.90 -28.86 -14.41
N SER A 510 6.19 -29.01 -14.67
CA SER A 510 6.70 -29.33 -16.00
C SER A 510 8.22 -29.44 -15.95
N PRO A 511 8.86 -30.04 -16.96
CA PRO A 511 10.32 -29.96 -17.10
C PRO A 511 10.77 -28.68 -17.82
N TRP A 512 10.20 -27.54 -17.43
CA TRP A 512 10.56 -26.27 -18.02
C TRP A 512 11.74 -25.60 -17.32
N ARG A 513 12.15 -26.09 -16.15
CA ARG A 513 13.29 -25.54 -15.43
C ARG A 513 14.58 -26.27 -15.74
N ALA A 514 14.55 -27.21 -16.69
CA ALA A 514 15.75 -27.89 -17.14
C ALA A 514 16.15 -27.42 -18.54
N LYS A 515 15.23 -27.54 -19.51
CA LYS A 515 15.50 -27.01 -20.85
C LYS A 515 15.87 -25.53 -20.79
N LEU A 516 15.27 -24.80 -19.85
CA LEU A 516 15.58 -23.41 -19.57
C LEU A 516 17.08 -23.16 -19.55
N GLN A 517 17.83 -24.07 -18.94
CA GLN A 517 19.29 -23.98 -18.99
C GLN A 517 19.90 -24.81 -20.11
N GLU A 518 19.29 -25.94 -20.46
CA GLU A 518 19.87 -26.82 -21.47
C GLU A 518 19.94 -26.11 -22.82
N ILE A 519 19.19 -25.02 -22.98
CA ILE A 519 19.22 -24.29 -24.23
C ILE A 519 20.21 -23.11 -24.22
N LYS A 520 20.54 -22.54 -23.05
CA LYS A 520 21.36 -21.32 -23.11
C LYS A 520 22.79 -21.64 -23.54
N SER A 521 23.25 -22.87 -23.32
CA SER A 521 24.53 -23.28 -23.87
C SER A 521 24.49 -23.32 -25.39
N SER A 522 23.38 -23.76 -25.97
CA SER A 522 23.22 -23.89 -27.41
C SER A 522 22.65 -22.64 -28.06
N LEU A 523 22.38 -21.58 -27.29
CA LEU A 523 21.82 -20.37 -27.86
C LEU A 523 22.85 -19.63 -28.69
N ASP A 524 22.48 -19.31 -29.93
CA ASP A 524 23.31 -18.54 -30.86
C ASP A 524 23.20 -17.05 -30.55
N ASN A 525 23.41 -16.22 -31.58
CA ASN A 525 23.42 -14.74 -31.44
C ASN A 525 22.10 -14.08 -30.99
N HIS A 526 21.43 -13.33 -31.87
CA HIS A 526 20.24 -12.55 -31.43
C HIS A 526 18.91 -13.27 -31.66
N THR A 527 18.39 -13.94 -30.61
CA THR A 527 17.13 -14.72 -30.75
C THR A 527 16.19 -14.49 -29.58
N GLU A 528 15.21 -15.36 -29.40
CA GLU A 528 14.29 -15.30 -28.27
C GLU A 528 13.49 -16.60 -28.19
N VAL A 529 13.38 -17.13 -26.98
CA VAL A 529 12.65 -18.36 -26.69
C VAL A 529 11.65 -18.06 -25.59
N VAL A 530 10.40 -18.50 -25.78
CA VAL A 530 9.31 -18.25 -24.85
C VAL A 530 8.64 -19.57 -24.51
N PHE A 531 8.32 -19.76 -23.23
CA PHE A 531 7.61 -20.94 -22.76
C PHE A 531 6.17 -20.54 -22.52
N ILE A 532 5.23 -21.30 -23.07
CA ILE A 532 3.81 -21.03 -22.93
C ILE A 532 3.12 -22.30 -22.42
N ALA A 533 2.38 -22.17 -21.33
CA ALA A 533 1.66 -23.29 -20.74
C ALA A 533 0.17 -23.12 -20.98
N ASP A 534 -0.45 -24.12 -21.59
CA ASP A 534 -1.85 -24.03 -21.99
C ASP A 534 -2.67 -25.09 -21.27
N PHE A 535 -3.94 -24.77 -21.07
CA PHE A 535 -4.88 -25.60 -20.31
C PHE A 535 -5.70 -26.46 -21.25
N PRO A 536 -6.31 -27.55 -20.78
CA PRO A 536 -7.06 -28.42 -21.69
C PRO A 536 -8.46 -27.90 -21.98
N GLY A 537 -8.86 -27.97 -23.25
CA GLY A 537 -10.16 -27.49 -23.68
C GLY A 537 -10.16 -26.09 -24.25
N LEU A 538 -9.02 -25.41 -24.33
CA LEU A 538 -8.90 -24.05 -24.82
C LEU A 538 -8.01 -24.06 -26.07
N HIS A 539 -7.67 -22.88 -26.57
CA HIS A 539 -6.86 -22.76 -27.78
C HIS A 539 -6.20 -21.39 -27.77
N LEU A 540 -5.26 -21.19 -28.70
CA LEU A 540 -4.48 -19.96 -28.72
C LEU A 540 -4.44 -19.31 -30.11
N GLU A 541 -4.02 -18.06 -30.17
CA GLU A 541 -3.74 -17.37 -31.42
C GLU A 541 -2.72 -16.25 -31.23
N ASN A 542 -1.74 -16.18 -32.12
CA ASN A 542 -0.73 -15.12 -32.07
C ASN A 542 -0.17 -14.95 -33.48
N PHE A 543 -0.63 -13.91 -34.18
CA PHE A 543 -0.09 -13.62 -35.50
C PHE A 543 1.36 -13.17 -35.37
N VAL A 544 2.23 -13.78 -36.16
CA VAL A 544 3.66 -13.47 -36.12
C VAL A 544 3.97 -12.43 -37.19
N SER A 545 4.96 -11.59 -36.90
CA SER A 545 5.28 -10.45 -37.75
C SER A 545 6.13 -10.91 -38.93
N GLU A 546 6.68 -9.95 -39.68
CA GLU A 546 7.51 -10.22 -40.85
C GLU A 546 8.99 -10.00 -40.56
N ASP A 547 9.39 -10.09 -39.29
CA ASP A 547 10.78 -9.92 -38.89
C ASP A 547 11.37 -11.13 -38.18
N LEU A 548 10.56 -12.07 -37.71
CA LEU A 548 11.04 -13.22 -36.96
C LEU A 548 11.16 -14.42 -37.89
N GLY A 549 12.37 -14.94 -38.03
CA GLY A 549 12.64 -16.09 -38.86
C GLY A 549 12.97 -17.32 -38.02
N ASN A 550 12.96 -18.47 -38.70
CA ASN A 550 13.28 -19.77 -38.08
C ASN A 550 12.40 -20.04 -36.86
N THR A 551 11.16 -19.58 -36.90
CA THR A 551 10.25 -19.80 -35.78
C THR A 551 9.89 -21.28 -35.69
N SER A 552 9.97 -21.84 -34.49
CA SER A 552 9.73 -23.26 -34.29
C SER A 552 9.10 -23.48 -32.93
N ILE A 553 8.44 -24.62 -32.78
CA ILE A 553 7.77 -24.99 -31.55
C ILE A 553 8.22 -26.40 -31.16
N GLN A 554 8.61 -26.56 -29.90
CA GLN A 554 8.90 -27.86 -29.31
C GLN A 554 7.89 -28.11 -28.20
N LEU A 555 7.40 -29.35 -28.12
CA LEU A 555 6.33 -29.71 -27.22
C LEU A 555 6.87 -30.57 -26.08
N LEU A 556 6.40 -30.31 -24.87
CA LEU A 556 6.89 -30.98 -23.67
C LEU A 556 5.86 -31.92 -23.04
N GLN A 557 4.68 -31.43 -22.71
CA GLN A 557 3.65 -32.22 -22.05
C GLN A 557 2.40 -32.28 -22.92
N GLY A 558 1.78 -33.45 -22.97
CA GLY A 558 0.57 -33.59 -23.75
C GLY A 558 0.84 -33.51 -25.25
N GLU A 559 -0.23 -33.18 -25.98
CA GLU A 559 -0.15 -33.06 -27.44
C GLU A 559 -0.83 -31.76 -27.87
N VAL A 560 -0.38 -31.23 -29.01
CA VAL A 560 -0.90 -30.00 -29.58
C VAL A 560 -1.33 -30.29 -31.01
N THR A 561 -2.12 -29.36 -31.55
CA THR A 561 -2.80 -29.53 -32.84
C THR A 561 -2.56 -28.31 -33.72
N VAL A 562 -1.28 -27.97 -33.93
CA VAL A 562 -0.93 -26.69 -34.55
C VAL A 562 -1.55 -26.58 -35.94
N GLU A 563 -2.24 -25.47 -36.18
CA GLU A 563 -3.03 -25.25 -37.37
C GLU A 563 -2.65 -23.92 -38.01
N LEU A 564 -2.55 -23.93 -39.32
CA LEU A 564 -2.24 -22.76 -40.13
C LEU A 564 -3.41 -22.49 -41.08
N VAL A 565 -3.90 -21.25 -41.05
CA VAL A 565 -5.02 -20.81 -41.88
C VAL A 565 -4.42 -20.09 -43.08
N ALA A 566 -4.20 -20.84 -44.16
CA ALA A 566 -3.65 -20.35 -45.42
C ALA A 566 -3.58 -21.53 -46.38
N GLU A 567 -2.77 -22.51 -46.01
CA GLU A 567 -2.83 -23.85 -46.60
C GLU A 567 -3.83 -24.73 -45.87
N GLN A 568 -4.44 -24.23 -44.80
CA GLN A 568 -5.40 -24.99 -43.99
C GLN A 568 -4.80 -26.31 -43.50
N LYS A 569 -3.69 -26.20 -42.78
CA LYS A 569 -2.99 -27.38 -42.27
C LYS A 569 -3.28 -27.56 -40.79
N ASN A 570 -3.48 -28.81 -40.38
CA ASN A 570 -3.88 -29.15 -39.01
C ASN A 570 -2.91 -30.15 -38.41
N GLN A 571 -1.62 -29.84 -38.46
CA GLN A 571 -0.60 -30.80 -38.08
C GLN A 571 -0.54 -30.97 -36.58
N THR A 572 -0.71 -32.20 -36.11
CA THR A 572 -0.62 -32.52 -34.70
C THR A 572 0.81 -32.83 -34.31
N LEU A 573 1.07 -32.83 -33.01
CA LEU A 573 2.39 -33.11 -32.49
C LEU A 573 2.31 -34.08 -31.32
N ARG A 574 3.38 -34.83 -31.11
CA ARG A 574 3.54 -35.74 -29.99
C ARG A 574 4.68 -35.24 -29.10
N GLU A 575 5.01 -36.02 -28.07
CA GLU A 575 5.99 -35.58 -27.11
C GLU A 575 7.38 -35.56 -27.74
N GLY A 576 7.75 -34.41 -28.29
CA GLY A 576 9.01 -34.24 -28.98
C GLY A 576 8.85 -34.25 -30.49
N GLU A 577 8.84 -33.07 -31.09
CA GLU A 577 8.72 -32.95 -32.54
C GLU A 577 9.09 -31.52 -32.94
N LYS A 578 10.10 -31.38 -33.78
CA LYS A 578 10.52 -30.07 -34.24
C LYS A 578 9.77 -29.70 -35.52
N MET A 579 9.12 -28.54 -35.51
CA MET A 579 8.31 -28.09 -36.64
C MET A 579 8.71 -26.65 -36.97
N GLN A 580 9.03 -26.41 -38.23
CA GLN A 580 9.40 -25.08 -38.70
C GLN A 580 8.17 -24.38 -39.26
N LEU A 581 7.83 -23.23 -38.67
CA LEU A 581 6.61 -22.53 -39.05
C LEU A 581 6.94 -21.19 -39.66
N PRO A 582 6.22 -20.77 -40.70
CA PRO A 582 6.58 -19.57 -41.45
C PRO A 582 6.17 -18.29 -40.72
N ALA A 583 6.38 -17.17 -41.40
CA ALA A 583 6.09 -15.85 -40.86
C ALA A 583 4.86 -15.27 -41.53
N GLY A 584 4.17 -14.38 -40.81
CA GLY A 584 2.98 -13.73 -41.34
C GLY A 584 1.81 -14.68 -41.57
N GLU A 585 1.54 -15.57 -40.62
CA GLU A 585 0.47 -16.55 -40.76
C GLU A 585 -0.18 -16.81 -39.41
N TYR A 586 -1.32 -17.49 -39.45
CA TYR A 586 -2.05 -17.83 -38.24
C TYR A 586 -1.34 -18.94 -37.48
N HIS A 587 -1.63 -19.03 -36.18
CA HIS A 587 -0.96 -19.95 -35.27
C HIS A 587 -1.97 -20.66 -34.38
N LYS A 588 -3.01 -21.23 -34.97
CA LYS A 588 -4.08 -21.83 -34.18
C LYS A 588 -3.59 -23.09 -33.48
N VAL A 589 -3.12 -22.99 -32.26
CA VAL A 589 -2.65 -24.15 -31.52
C VAL A 589 -3.72 -24.56 -30.53
N TYR A 590 -4.09 -25.82 -30.57
CA TYR A 590 -5.12 -26.40 -29.73
C TYR A 590 -4.51 -27.50 -28.86
N THR A 591 -5.01 -27.61 -27.64
CA THR A 591 -4.58 -28.64 -26.70
C THR A 591 -5.72 -29.61 -26.47
N THR A 592 -5.46 -30.90 -26.73
CA THR A 592 -6.47 -31.93 -26.55
C THR A 592 -6.19 -32.85 -25.37
N SER A 593 -4.96 -32.90 -24.89
CA SER A 593 -4.64 -33.76 -23.77
C SER A 593 -5.30 -33.24 -22.49
N PRO A 594 -5.69 -34.14 -21.58
CA PRO A 594 -6.28 -33.70 -20.31
C PRO A 594 -5.30 -32.94 -19.42
N SER A 595 -3.99 -32.99 -19.70
CA SER A 595 -2.99 -32.31 -18.91
C SER A 595 -2.52 -31.04 -19.61
N PRO A 596 -2.18 -30.00 -18.84
CA PRO A 596 -1.68 -28.77 -19.47
C PRO A 596 -0.40 -29.01 -20.25
N SER A 597 -0.26 -28.29 -21.36
CA SER A 597 0.87 -28.49 -22.26
C SER A 597 2.00 -27.53 -21.92
N CYS A 598 2.99 -27.46 -22.81
CA CYS A 598 4.09 -26.51 -22.69
C CYS A 598 4.76 -26.38 -24.05
N TYR A 599 5.01 -25.15 -24.47
CA TYR A 599 5.56 -24.87 -25.79
C TYR A 599 6.97 -24.31 -25.65
N MET A 600 7.69 -24.35 -26.76
CA MET A 600 9.06 -23.85 -26.83
C MET A 600 9.21 -22.83 -27.95
N TYR A 601 8.33 -21.82 -27.98
CA TYR A 601 8.29 -20.92 -29.12
C TYR A 601 9.62 -20.20 -29.29
N VAL A 602 10.37 -20.54 -30.33
CA VAL A 602 11.72 -20.03 -30.53
C VAL A 602 11.78 -19.32 -31.87
N TYR A 603 12.40 -18.14 -31.89
CA TYR A 603 12.56 -17.41 -33.13
C TYR A 603 13.82 -16.57 -33.10
N VAL A 604 14.27 -16.17 -34.28
CA VAL A 604 15.43 -15.32 -34.46
C VAL A 604 15.09 -14.24 -35.48
N ASN A 605 15.42 -13.00 -35.16
CA ASN A 605 15.28 -11.90 -36.10
C ASN A 605 16.45 -12.01 -37.08
N THR A 606 16.26 -12.81 -38.13
CA THR A 606 17.32 -13.04 -39.10
C THR A 606 17.69 -11.75 -39.82
N THR A 607 16.73 -10.84 -40.02
CA THR A 607 17.00 -9.56 -40.65
C THR A 607 17.70 -8.59 -39.71
N GLU A 608 17.69 -8.84 -38.40
CA GLU A 608 18.41 -7.97 -37.47
C GLU A 608 19.91 -8.02 -37.73
N LEU A 609 20.44 -9.20 -38.04
CA LEU A 609 21.85 -9.32 -38.38
C LEU A 609 22.18 -8.53 -39.64
N ALA A 610 21.27 -8.55 -40.62
CA ALA A 610 21.51 -7.81 -41.86
C ALA A 610 21.55 -6.30 -41.61
N LEU A 611 20.61 -5.79 -40.79
CA LEU A 611 20.57 -4.35 -40.54
C LEU A 611 21.67 -3.91 -39.59
N GLU A 612 22.06 -4.75 -38.63
CA GLU A 612 23.15 -4.40 -37.75
C GLU A 612 24.49 -4.42 -38.45
N GLN A 613 24.62 -5.20 -39.53
CA GLN A 613 25.84 -5.15 -40.33
C GLN A 613 25.99 -3.82 -41.04
N ASP A 614 24.87 -3.22 -41.47
CA ASP A 614 24.92 -1.90 -42.08
C ASP A 614 25.44 -0.85 -41.10
N LEU A 615 24.97 -0.90 -39.84
CA LEU A 615 25.48 0.01 -38.83
C LEU A 615 26.95 -0.25 -38.56
N ALA A 616 27.35 -1.53 -38.51
CA ALA A 616 28.76 -1.86 -38.32
C ALA A 616 29.60 -1.45 -39.53
N TYR A 617 29.03 -1.52 -40.73
CA TYR A 617 29.75 -1.08 -41.93
C TYR A 617 30.04 0.41 -41.86
N LEU A 618 29.09 1.21 -41.38
CA LEU A 618 29.31 2.65 -41.26
C LEU A 618 30.37 2.97 -40.23
N GLN A 619 30.50 2.14 -39.18
CA GLN A 619 31.52 2.37 -38.17
C GLN A 619 32.91 2.26 -38.77
N GLU A 620 33.14 1.26 -39.63
CA GLU A 620 34.43 1.14 -40.31
C GLU A 620 34.64 2.25 -41.32
N LEU A 621 33.57 2.74 -41.93
CA LEU A 621 33.66 3.82 -42.91
C LEU A 621 34.03 5.13 -42.24
N GLU A 668 18.53 16.96 -19.53
CA GLU A 668 19.07 18.04 -18.72
C GLU A 668 19.61 17.50 -17.39
N ILE A 669 20.04 16.24 -17.40
CA ILE A 669 20.58 15.63 -16.19
C ILE A 669 21.91 16.25 -15.82
N GLU A 670 22.75 16.55 -16.81
CA GLU A 670 24.05 17.13 -16.54
C GLU A 670 23.93 18.50 -15.88
N ARG A 671 23.00 19.33 -16.37
CA ARG A 671 22.81 20.66 -15.79
C ARG A 671 22.30 20.56 -14.36
N ARG A 672 21.35 19.66 -14.10
CA ARG A 672 20.82 19.50 -12.75
C ARG A 672 21.83 18.84 -11.81
N ARG A 673 22.82 18.13 -12.35
CA ARG A 673 23.84 17.52 -11.51
C ARG A 673 24.95 18.51 -11.18
N ASN A 674 25.31 19.36 -12.14
CA ASN A 674 26.37 20.34 -11.90
C ASN A 674 25.95 21.37 -10.85
N THR A 675 24.66 21.72 -10.93
CA THR A 675 24.12 22.76 -10.03
C THR A 675 24.15 22.29 -8.56
N PRO A 676 24.45 23.14 -7.55
CA PRO A 676 24.41 22.68 -6.15
C PRO A 676 23.01 22.48 -5.61
N PHE A 677 22.92 22.16 -4.30
CA PHE A 677 21.64 21.85 -3.69
C PHE A 677 20.75 23.07 -3.49
N HIS A 678 21.29 24.28 -3.56
CA HIS A 678 20.52 25.47 -3.25
C HIS A 678 19.35 25.64 -4.22
N GLU A 679 19.63 25.59 -5.52
CA GLU A 679 18.58 25.80 -6.51
C GLU A 679 17.62 24.62 -6.57
N ARG A 680 18.11 23.40 -6.32
CA ARG A 680 17.20 22.26 -6.24
C ARG A 680 16.23 22.42 -5.08
N PHE A 681 16.72 22.87 -3.92
CA PHE A 681 15.83 23.14 -2.79
C PHE A 681 14.88 24.28 -3.10
N PHE A 682 15.35 25.29 -3.84
CA PHE A 682 14.47 26.37 -4.25
C PHE A 682 13.33 25.86 -5.14
N ARG A 683 13.66 24.97 -6.08
CA ARG A 683 12.65 24.39 -6.95
C ARG A 683 11.68 23.52 -6.16
N PHE A 684 12.19 22.76 -5.18
CA PHE A 684 11.31 21.97 -4.32
C PHE A 684 10.35 22.87 -3.55
N LEU A 685 10.86 23.96 -2.98
CA LEU A 685 10.00 24.89 -2.25
C LEU A 685 8.98 25.52 -3.18
N LEU A 686 9.39 25.87 -4.39
CA LEU A 686 8.48 26.48 -5.35
C LEU A 686 7.34 25.53 -5.70
N ARG A 687 7.65 24.27 -6.00
CA ARG A 687 6.59 23.33 -6.38
C ARG A 687 5.70 23.01 -5.19
N LYS A 688 6.27 22.91 -3.98
CA LYS A 688 5.44 22.69 -2.80
C LYS A 688 4.52 23.86 -2.55
N LEU A 689 5.01 25.09 -2.72
CA LEU A 689 4.16 26.26 -2.59
C LEU A 689 3.06 26.25 -3.65
N TYR A 690 3.39 25.83 -4.87
CA TYR A 690 2.40 25.79 -5.93
C TYR A 690 1.28 24.80 -5.61
N VAL A 691 1.64 23.60 -5.16
CA VAL A 691 0.61 22.60 -4.86
C VAL A 691 -0.22 23.02 -3.64
N PHE A 692 0.44 23.57 -2.61
CA PHE A 692 -0.28 24.04 -1.44
C PHE A 692 -1.25 25.15 -1.79
N ARG A 693 -0.81 26.12 -2.59
CA ARG A 693 -1.68 27.24 -2.94
C ARG A 693 -2.82 26.80 -3.86
N ARG A 694 -2.55 25.88 -4.78
CA ARG A 694 -3.63 25.37 -5.63
C ARG A 694 -4.69 24.70 -4.77
N SER A 695 -4.26 23.87 -3.81
CA SER A 695 -5.21 23.25 -2.90
C SER A 695 -6.00 24.31 -2.13
N PHE A 696 -5.31 25.34 -1.64
CA PHE A 696 -5.99 26.33 -0.81
C PHE A 696 -7.03 27.10 -1.60
N LEU A 697 -6.68 27.62 -2.79
CA LEU A 697 -7.65 28.39 -3.56
C LEU A 697 -8.80 27.52 -4.06
N MET A 698 -8.52 26.28 -4.48
CA MET A 698 -9.62 25.42 -4.91
C MET A 698 -10.56 25.11 -3.76
N THR A 699 -10.00 24.85 -2.57
CA THR A 699 -10.84 24.61 -1.40
C THR A 699 -11.65 25.85 -1.05
N CYS A 700 -11.05 27.03 -1.18
CA CYS A 700 -11.77 28.27 -0.90
C CYS A 700 -12.93 28.46 -1.88
N ILE A 701 -12.71 28.15 -3.16
CA ILE A 701 -13.77 28.27 -4.15
C ILE A 701 -14.90 27.31 -3.83
N SER A 702 -14.57 26.05 -3.53
CA SER A 702 -15.60 25.07 -3.20
C SER A 702 -16.31 25.42 -1.91
N LEU A 703 -15.63 26.09 -0.98
CA LEU A 703 -16.27 26.50 0.26
C LEU A 703 -17.22 27.68 0.03
N ARG A 704 -16.84 28.61 -0.84
CA ARG A 704 -17.75 29.69 -1.19
C ARG A 704 -18.99 29.14 -1.90
N ASN A 705 -18.80 28.17 -2.79
CA ASN A 705 -19.94 27.50 -3.39
C ASN A 705 -20.66 26.63 -2.36
N LEU A 706 -21.97 26.53 -2.51
CA LEU A 706 -22.89 25.76 -1.65
C LEU A 706 -22.96 26.28 -0.22
N ILE A 707 -22.23 27.36 0.11
CA ILE A 707 -22.49 28.12 1.32
C ILE A 707 -23.25 29.40 0.99
N LEU A 708 -22.73 30.18 0.05
CA LEU A 708 -23.48 31.25 -0.60
C LEU A 708 -24.10 30.68 -1.87
N GLY A 709 -24.63 31.55 -2.72
CA GLY A 709 -25.12 31.11 -4.02
C GLY A 709 -23.99 30.89 -5.00
N ARG A 710 -24.22 29.96 -5.92
CA ARG A 710 -23.22 29.67 -6.95
C ARG A 710 -23.23 30.80 -7.99
N PRO A 711 -22.08 31.42 -8.26
CA PRO A 711 -22.06 32.55 -9.19
C PRO A 711 -22.07 32.12 -10.66
N SER A 712 -21.95 33.09 -11.57
CA SER A 712 -22.03 32.81 -12.99
C SER A 712 -20.82 32.03 -13.47
N LEU A 713 -20.94 31.47 -14.67
CA LEU A 713 -19.88 30.63 -15.22
C LEU A 713 -18.63 31.42 -15.57
N GLU A 714 -18.79 32.71 -15.92
CA GLU A 714 -17.63 33.53 -16.26
C GLU A 714 -16.69 33.69 -15.08
N GLN A 715 -17.24 34.02 -13.91
CA GLN A 715 -16.42 34.16 -12.71
C GLN A 715 -15.79 32.84 -12.33
N LEU A 716 -16.53 31.74 -12.47
CA LEU A 716 -15.99 30.42 -12.16
C LEU A 716 -14.79 30.11 -13.06
N ALA A 717 -14.92 30.37 -14.36
CA ALA A 717 -13.81 30.13 -15.27
C ALA A 717 -12.62 31.01 -14.93
N GLN A 718 -12.87 32.29 -14.63
CA GLN A 718 -11.77 33.19 -14.30
C GLN A 718 -11.02 32.72 -13.05
N GLU A 719 -11.75 32.35 -12.00
CA GLU A 719 -11.08 31.94 -10.78
C GLU A 719 -10.40 30.60 -10.92
N VAL A 720 -10.96 29.68 -11.72
CA VAL A 720 -10.30 28.40 -11.96
C VAL A 720 -9.00 28.62 -12.73
N THR A 721 -9.02 29.51 -13.73
CA THR A 721 -7.79 29.85 -14.44
C THR A 721 -6.78 30.51 -13.50
N TYR A 722 -7.26 31.35 -12.59
CA TYR A 722 -6.37 32.00 -11.64
C TYR A 722 -5.70 30.97 -10.72
N ALA A 723 -6.47 29.97 -10.27
CA ALA A 723 -5.91 28.95 -9.39
C ALA A 723 -4.82 28.15 -10.10
N ASN A 724 -5.03 27.81 -11.37
CA ASN A 724 -4.06 27.03 -12.13
C ASN A 724 -2.75 27.80 -12.32
N LEU A 725 -2.82 29.13 -12.36
CA LEU A 725 -1.65 29.96 -12.65
C LEU A 725 -0.45 29.58 -11.80
N ARG A 726 0.62 29.16 -12.46
CA ARG A 726 1.85 28.80 -11.76
C ARG A 726 2.60 30.06 -11.37
N PRO A 727 3.06 30.17 -10.12
CA PRO A 727 3.81 31.37 -9.71
C PRO A 727 5.16 31.44 -10.38
N PHE A 728 5.40 32.51 -11.13
CA PHE A 728 6.66 32.73 -11.84
C PHE A 728 7.00 31.57 -12.76
C1 NAG B . -8.08 -28.47 -36.74
C2 NAG B . -9.39 -27.79 -37.12
C3 NAG B . -10.10 -27.27 -35.86
C4 NAG B . -10.26 -28.39 -34.85
C5 NAG B . -8.92 -29.08 -34.59
C6 NAG B . -9.03 -30.30 -33.69
C7 NAG B . -9.96 -26.42 -39.08
C8 NAG B . -9.57 -25.26 -39.93
N2 NAG B . -9.15 -26.70 -38.05
O3 NAG B . -11.38 -26.77 -36.23
O4 NAG B . -10.73 -27.86 -33.61
O5 NAG B . -8.35 -29.53 -35.82
O6 NAG B . -8.03 -30.29 -32.68
O7 NAG B . -10.97 -27.09 -39.30
C1 NAG B . -12.14 -28.15 -33.47
C2 NAG B . -12.43 -28.40 -31.99
C3 NAG B . -13.92 -28.64 -31.78
C4 NAG B . -14.73 -27.50 -32.38
C5 NAG B . -14.34 -27.28 -33.84
C6 NAG B . -15.01 -26.08 -34.46
C7 NAG B . -10.73 -29.41 -30.53
C8 NAG B . -10.04 -30.67 -30.13
N2 NAG B . -11.65 -29.52 -31.49
O3 NAG B . -14.19 -28.75 -30.38
O4 NAG B . -16.12 -27.79 -32.30
O5 NAG B . -12.92 -27.06 -33.94
O6 NAG B . -16.43 -26.13 -34.28
O7 NAG B . -10.47 -28.32 -30.01
C1 NAG C . 17.29 -21.00 -37.91
C2 NAG C . 17.91 -22.23 -38.56
C3 NAG C . 18.34 -23.23 -37.49
C4 NAG C . 19.24 -22.55 -36.47
C5 NAG C . 18.57 -21.31 -35.91
C6 NAG C . 19.46 -20.53 -34.97
C7 NAG C . 16.99 -22.59 -40.82
C8 NAG C . 15.97 -23.32 -41.63
N2 NAG C . 16.98 -22.85 -39.50
O3 NAG C . 19.02 -24.32 -38.11
O4 NAG C . 19.52 -23.45 -35.40
O5 NAG C . 18.22 -20.43 -36.98
O6 NAG C . 19.75 -21.26 -33.79
O7 NAG C . 17.79 -21.80 -41.31
C1 NAG D . -8.22 2.46 -25.32
C2 NAG D . -7.95 3.97 -25.43
C3 NAG D . -6.44 4.22 -25.54
C4 NAG D . -5.70 3.54 -24.39
C5 NAG D . -6.06 2.07 -24.34
C6 NAG D . -5.43 1.35 -23.18
C7 NAG D . -8.97 5.84 -26.65
C8 NAG D . -9.69 6.26 -27.90
N2 NAG D . -8.63 4.54 -26.57
O3 NAG D . -6.19 5.62 -25.51
O4 NAG D . -4.30 3.69 -24.56
O5 NAG D . -7.48 1.92 -24.21
O6 NAG D . -6.18 1.53 -21.99
O7 NAG D . -8.70 6.64 -25.75
C1 CLR E . -9.86 -2.21 11.37
C2 CLR E . -8.86 -3.21 11.86
C3 CLR E . -7.61 -2.57 12.38
C4 CLR E . -7.98 -1.56 13.47
C5 CLR E . -9.05 -0.57 13.05
C6 CLR E . -8.85 0.72 13.28
C7 CLR E . -9.86 1.81 12.92
C8 CLR E . -11.24 1.21 12.66
C9 CLR E . -11.08 -0.03 11.73
C10 CLR E . -10.30 -1.18 12.40
C11 CLR E . -12.43 -0.50 11.15
C12 CLR E . -13.22 0.64 10.49
C13 CLR E . -13.48 1.75 11.52
C14 CLR E . -12.06 2.25 11.95
C15 CLR E . -12.34 3.57 12.74
C16 CLR E . -13.65 4.11 12.04
C17 CLR E . -14.03 3.08 10.91
C18 CLR E . -14.32 1.30 12.69
C19 CLR E . -11.16 -1.83 13.49
C20 CLR E . -15.53 3.13 10.63
C21 CLR E . -15.96 2.55 9.28
C22 CLR E . -15.89 4.67 10.64
C23 CLR E . -16.16 5.26 9.25
C24 CLR E . -17.65 5.74 9.33
C25 CLR E . -18.03 6.55 8.07
C26 CLR E . -17.39 5.87 6.85
C27 CLR E . -17.72 8.04 8.19
O1 CLR E . -6.65 -3.49 12.87
CAA Y01 F . -4.71 36.91 -4.29
CBA Y01 F . -4.89 37.47 -2.89
CAB Y01 F . -4.12 38.77 -2.72
CAN Y01 F . -4.52 36.47 -1.77
CAJ Y01 F . -3.87 35.15 -2.21
CAO Y01 F . -2.81 34.69 -1.22
CBB Y01 F . -2.45 33.20 -1.40
CAC Y01 F . -1.32 33.06 -2.41
CBE Y01 F . -2.09 32.66 0.00
CAP Y01 F . -3.41 32.55 0.84
CAQ Y01 F . -3.26 31.30 1.73
CBG Y01 F . -1.77 31.06 1.68
CBI Y01 F . -1.47 31.25 0.19
CAE Y01 F . -2.12 30.17 -0.66
CAU Y01 F . 0.05 31.23 0.06
CAS Y01 F . 0.72 29.98 0.69
CBF Y01 F . 0.29 29.69 2.14
CBD Y01 F . -1.24 29.74 2.22
CAK Y01 F . -1.67 29.60 3.68
CAI Y01 F . -0.98 28.62 4.41
CAZ Y01 F . 0.20 28.00 4.02
CAV Y01 F . 0.69 27.02 5.00
CBH Y01 F . 0.81 28.34 2.71
CAD Y01 F . 0.60 27.18 1.75
CAT Y01 F . 2.33 28.45 2.98
CAR Y01 F . 2.92 27.27 3.78
CBC Y01 F . 2.21 27.10 5.12
OAW Y01 F . 2.53 25.90 5.80
CAY Y01 F . 3.85 25.70 6.11
OAG Y01 F . 4.28 24.64 5.62
CAM Y01 F . 4.62 26.65 6.93
CAL Y01 F . 5.15 26.05 8.22
CAX Y01 F . 6.23 24.97 7.94
OAH Y01 F . 7.21 25.33 7.24
OAF Y01 F . 6.03 23.84 8.44
#